data_5E1G
#
_entry.id   5E1G
#
_cell.length_a   61.283
_cell.length_b   93.872
_cell.length_c   75.358
_cell.angle_alpha   90.00
_cell.angle_beta   93.08
_cell.angle_gamma   90.00
#
_symmetry.space_group_name_H-M   'P 1 21 1'
#
loop_
_entity.id
_entity.type
_entity.pdbx_description
1 polymer 'L,D-transpeptidase 2'
2 non-polymer '(2~{S},3~{R},4~{R})-4-(2-cyclohexyloxy-2-oxidanylidene-ethyl)sulfanyl-3-methyl-2-[(2~{S},3~{R})-3-oxidanyl-1-oxidanylidene-butan-2-yl]-3,4-dihydro-2~{H}-pyrrole-5-carboxylic acid'
3 water water
#
_entity_poly.entity_id   1
_entity_poly.type   'polypeptide(L)'
_entity_poly.pdbx_seq_one_letter_code
;GHMAPIKVIADKGTPFADLLVPKLTASVTDGAVGVTVDAPVSVTAADGVLAAVTMVNDNGRPVAGRLSPDGLRWSTTEQL
GYNRRYTLNATALGLGGAATRQLTFQTSSPAHLTMPYVMPGDGEVVGVGEPVAIRFDENIADRGAAEKAIKITTNPPVEG
AFYWLNNREVRWRPEHFWKPGTAVDVAVNTYGVDLGEGMFGEDNVQTHFTIGDEVIATADDNTKILTVRVNGEVVKSMPT
SMGKDSTPTANGIYIVGSRYKHIIMDSSTYGVPVNSPNGYRTDVDWATQISYSGVFVHSAPWSVGAQGHTNTSHGCLNVS
PSNAQWFYDHVKRGDIVEVVNTVGGTLPGIDGLGDWNIPWDQWRAGNAKA
;
_entity_poly.pdbx_strand_id   A,B
#
loop_
_chem_comp.id
_chem_comp.type
_chem_comp.name
_chem_comp.formula
T8G non-polymer '(2~{S},3~{R},4~{R})-4-(2-cyclohexyloxy-2-oxidanylidene-ethyl)sulfanyl-3-methyl-2-[(2~{S},3~{R})-3-oxidanyl-1-oxidanylidene-butan-2-yl]-3,4-dihydro-2~{H}-pyrrole-5-carboxylic acid' 'C18 H27 N O6 S'
#
# COMPACT_ATOMS: atom_id res chain seq x y z
N LEU A 19 9.57 32.62 -42.09
CA LEU A 19 10.16 31.78 -41.05
C LEU A 19 9.08 31.07 -40.23
N LEU A 20 9.43 29.90 -39.70
CA LEU A 20 8.49 29.06 -38.97
C LEU A 20 8.71 29.13 -37.45
N VAL A 21 7.60 29.11 -36.72
CA VAL A 21 7.62 29.07 -35.27
C VAL A 21 7.90 27.63 -34.85
N PRO A 22 8.74 27.44 -33.81
CA PRO A 22 9.03 26.07 -33.37
C PRO A 22 7.77 25.33 -32.94
N LYS A 23 7.75 24.01 -33.15
CA LYS A 23 6.63 23.20 -32.71
C LYS A 23 7.09 22.21 -31.65
N LEU A 24 6.30 22.06 -30.59
CA LEU A 24 6.58 21.07 -29.55
C LEU A 24 5.68 19.86 -29.69
N THR A 25 6.26 18.67 -29.59
CA THR A 25 5.50 17.44 -29.56
C THR A 25 5.90 16.60 -28.34
N ALA A 26 4.95 16.26 -27.49
CA ALA A 26 5.25 15.42 -26.33
C ALA A 26 4.66 14.03 -26.50
N SER A 27 5.19 13.04 -25.78
CA SER A 27 4.69 11.67 -25.86
C SER A 27 3.46 11.48 -24.97
N VAL A 28 3.08 12.55 -24.28
CA VAL A 28 1.88 12.56 -23.45
C VAL A 28 1.04 13.74 -23.85
N THR A 29 -0.23 13.72 -23.52
CA THR A 29 -1.08 14.88 -23.76
C THR A 29 -1.50 15.52 -22.45
N ASP A 30 -1.62 16.84 -22.46
CA ASP A 30 -2.15 17.59 -21.33
C ASP A 30 -3.50 17.02 -20.92
N GLY A 31 -3.68 16.78 -19.62
CA GLY A 31 -4.94 16.25 -19.11
C GLY A 31 -5.10 14.74 -19.21
N ALA A 32 -4.09 14.02 -19.69
CA ALA A 32 -4.21 12.55 -19.81
C ALA A 32 -4.23 11.91 -18.42
N VAL A 33 -4.95 10.81 -18.29
CA VAL A 33 -4.86 9.97 -17.10
C VAL A 33 -4.59 8.52 -17.51
N GLY A 34 -4.14 7.71 -16.56
CA GLY A 34 -3.75 6.34 -16.83
C GLY A 34 -2.55 6.20 -17.75
N VAL A 35 -1.67 7.19 -17.73
CA VAL A 35 -0.45 7.16 -18.54
C VAL A 35 0.45 6.03 -18.03
N THR A 36 0.78 5.10 -18.91
CA THR A 36 1.54 3.95 -18.45
C THR A 36 3.01 4.28 -18.28
N VAL A 37 3.60 3.60 -17.31
CA VAL A 37 4.90 3.95 -16.82
C VAL A 37 5.93 2.87 -17.25
N ASP A 38 5.53 2.09 -18.26
CA ASP A 38 6.44 1.13 -18.90
C ASP A 38 7.36 1.76 -19.97
N ALA A 39 7.23 3.06 -20.18
CA ALA A 39 8.05 3.75 -21.17
C ALA A 39 8.41 5.14 -20.66
N PRO A 40 9.51 5.71 -21.17
CA PRO A 40 9.87 7.07 -20.77
C PRO A 40 8.92 8.08 -21.39
N VAL A 41 8.93 9.28 -20.83
CA VAL A 41 8.21 10.41 -21.39
C VAL A 41 9.20 11.28 -22.13
N SER A 42 8.83 11.68 -23.34
CA SER A 42 9.73 12.51 -24.17
C SER A 42 9.05 13.76 -24.71
N VAL A 43 9.88 14.71 -25.12
CA VAL A 43 9.44 15.93 -25.80
C VAL A 43 10.37 16.13 -26.97
N THR A 44 9.81 16.53 -28.11
CA THR A 44 10.59 16.77 -29.31
C THR A 44 10.28 18.14 -29.89
N ALA A 45 11.32 18.82 -30.37
CA ALA A 45 11.15 20.12 -31.03
C ALA A 45 11.35 19.96 -32.54
N ALA A 46 10.55 20.71 -33.29
CA ALA A 46 10.69 20.82 -34.74
C ALA A 46 10.83 22.30 -35.10
N ASP A 47 11.57 22.60 -36.16
CA ASP A 47 11.86 23.98 -36.57
C ASP A 47 12.41 24.83 -35.42
N GLY A 48 13.31 24.22 -34.65
CA GLY A 48 13.90 24.86 -33.50
C GLY A 48 14.48 23.77 -32.60
N VAL A 49 14.96 24.16 -31.43
CA VAL A 49 15.58 23.23 -30.49
C VAL A 49 15.02 23.45 -29.09
N LEU A 50 15.17 22.46 -28.22
CA LEU A 50 14.65 22.55 -26.86
C LEU A 50 15.56 23.40 -25.96
N ALA A 51 15.07 24.55 -25.51
CA ALA A 51 15.86 25.46 -24.66
C ALA A 51 15.68 25.18 -23.16
N ALA A 52 14.55 24.60 -22.80
CA ALA A 52 14.29 24.30 -21.40
C ALA A 52 13.25 23.20 -21.33
N VAL A 53 13.55 22.13 -20.59
CA VAL A 53 12.55 21.12 -20.32
C VAL A 53 12.68 20.68 -18.87
N THR A 54 11.58 20.77 -18.13
CA THR A 54 11.53 20.25 -16.77
C THR A 54 10.28 19.40 -16.58
N MET A 55 10.40 18.36 -15.79
CA MET A 55 9.23 17.58 -15.38
C MET A 55 9.29 17.43 -13.86
N VAL A 56 8.16 17.68 -13.22
CA VAL A 56 8.11 17.77 -11.77
C VAL A 56 6.96 16.92 -11.28
N ASN A 57 7.10 16.24 -10.15
CA ASN A 57 5.97 15.50 -9.62
C ASN A 57 5.01 16.38 -8.81
N ASP A 58 3.96 15.77 -8.28
CA ASP A 58 2.86 16.47 -7.61
C ASP A 58 3.25 17.44 -6.49
N ASN A 59 4.53 17.46 -6.14
CA ASN A 59 5.00 18.29 -5.03
C ASN A 59 6.41 18.86 -5.22
N GLY A 60 6.74 19.22 -6.47
CA GLY A 60 7.93 20.00 -6.75
C GLY A 60 9.15 19.26 -7.23
N ARG A 61 9.29 17.99 -6.85
CA ARG A 61 10.53 17.25 -7.10
C ARG A 61 10.75 16.99 -8.59
N PRO A 62 11.91 17.46 -9.11
CA PRO A 62 12.25 17.28 -10.52
C PRO A 62 12.48 15.82 -10.87
N VAL A 63 12.13 15.45 -12.10
CA VAL A 63 12.38 14.12 -12.60
C VAL A 63 13.65 14.16 -13.41
N ALA A 64 14.51 13.15 -13.26
CA ALA A 64 15.73 13.09 -14.04
C ALA A 64 15.43 12.97 -15.52
N GLY A 65 16.15 13.72 -16.34
CA GLY A 65 15.98 13.65 -17.78
C GLY A 65 17.27 13.96 -18.50
N ARG A 66 17.29 13.72 -19.81
CA ARG A 66 18.46 14.05 -20.61
C ARG A 66 18.05 14.57 -21.98
N LEU A 67 18.69 15.65 -22.40
CA LEU A 67 18.46 16.23 -23.72
C LEU A 67 19.50 15.71 -24.71
N SER A 68 19.05 15.38 -25.91
CA SER A 68 19.98 14.94 -26.96
C SER A 68 20.96 16.06 -27.31
N PRO A 69 22.19 15.68 -27.71
CA PRO A 69 23.19 16.67 -28.12
C PRO A 69 22.68 17.66 -29.19
N ASP A 70 21.84 17.24 -30.13
CA ASP A 70 21.36 18.17 -31.16
C ASP A 70 20.20 19.04 -30.67
N GLY A 71 19.79 18.84 -29.42
CA GLY A 71 18.75 19.67 -28.80
C GLY A 71 17.33 19.38 -29.25
N LEU A 72 17.15 18.32 -30.02
CA LEU A 72 15.84 18.02 -30.61
C LEU A 72 14.94 17.12 -29.75
N ARG A 73 15.53 16.36 -28.83
CA ARG A 73 14.72 15.42 -28.04
C ARG A 73 15.17 15.28 -26.59
N TRP A 74 14.21 15.45 -25.70
CA TRP A 74 14.42 15.29 -24.27
C TRP A 74 13.66 14.06 -23.83
N SER A 75 14.22 13.32 -22.88
CA SER A 75 13.55 12.14 -22.38
C SER A 75 13.88 11.92 -20.90
N THR A 76 12.88 11.44 -20.16
CA THR A 76 13.10 11.01 -18.79
C THR A 76 14.09 9.87 -18.78
N THR A 77 14.87 9.77 -17.70
CA THR A 77 15.94 8.78 -17.62
C THR A 77 15.85 7.89 -16.38
N GLU A 78 14.87 8.13 -15.54
CA GLU A 78 14.68 7.28 -14.37
C GLU A 78 13.28 6.71 -14.40
N GLN A 79 12.99 5.80 -13.49
CA GLN A 79 11.68 5.17 -13.45
C GLN A 79 10.62 6.18 -13.01
N LEU A 80 9.53 6.25 -13.76
CA LEU A 80 8.42 7.11 -13.36
C LEU A 80 7.51 6.31 -12.44
N GLY A 81 6.85 7.00 -11.52
CA GLY A 81 6.09 6.30 -10.50
C GLY A 81 4.63 6.07 -10.80
N TYR A 82 4.07 5.04 -10.17
CA TYR A 82 2.62 4.86 -10.14
C TYR A 82 1.97 5.98 -9.33
N ASN A 83 0.70 6.26 -9.61
CA ASN A 83 -0.04 7.31 -8.87
C ASN A 83 0.71 8.60 -8.70
N ARG A 84 1.24 9.11 -9.80
CA ARG A 84 1.89 10.41 -9.75
C ARG A 84 1.13 11.37 -10.67
N ARG A 85 1.12 12.63 -10.29
CA ARG A 85 0.65 13.72 -11.14
C ARG A 85 1.90 14.48 -11.57
N TYR A 86 2.30 14.35 -12.84
CA TYR A 86 3.48 15.03 -13.34
C TYR A 86 3.12 16.25 -14.17
N THR A 87 3.95 17.30 -14.05
CA THR A 87 3.82 18.50 -14.88
C THR A 87 5.10 18.77 -15.67
N LEU A 88 4.91 18.85 -16.98
CA LEU A 88 5.98 19.01 -17.92
C LEU A 88 5.95 20.42 -18.48
N ASN A 89 7.10 21.11 -18.44
CA ASN A 89 7.24 22.43 -19.00
C ASN A 89 8.36 22.43 -20.02
N ALA A 90 8.07 22.86 -21.23
CA ALA A 90 9.07 22.86 -22.30
C ALA A 90 9.02 24.15 -23.09
N THR A 91 10.21 24.61 -23.49
CA THR A 91 10.32 25.76 -24.37
C THR A 91 11.23 25.41 -25.53
N ALA A 92 10.76 25.67 -26.75
CA ALA A 92 11.59 25.52 -27.94
C ALA A 92 11.87 26.89 -28.55
N LEU A 93 13.12 27.08 -28.99
CA LEU A 93 13.52 28.31 -29.68
C LEU A 93 14.03 27.99 -31.08
N GLY A 94 13.63 28.81 -32.05
CA GLY A 94 14.15 28.72 -33.39
C GLY A 94 14.30 30.12 -33.94
N LEU A 95 14.85 30.23 -35.15
CA LEU A 95 14.94 31.53 -35.82
C LEU A 95 13.58 32.21 -35.92
N GLY A 96 12.54 31.41 -36.11
CA GLY A 96 11.19 31.94 -36.26
C GLY A 96 10.52 32.31 -34.95
N GLY A 97 11.21 32.11 -33.84
CA GLY A 97 10.68 32.56 -32.56
C GLY A 97 10.72 31.52 -31.46
N ALA A 98 9.67 31.50 -30.64
CA ALA A 98 9.65 30.63 -29.46
C ALA A 98 8.28 30.00 -29.24
N ALA A 99 8.29 28.84 -28.61
CA ALA A 99 7.05 28.17 -28.24
C ALA A 99 7.22 27.52 -26.87
N THR A 100 6.20 27.64 -26.03
CA THR A 100 6.25 27.07 -24.69
C THR A 100 4.95 26.34 -24.42
N ARG A 101 5.04 25.16 -23.81
CA ARG A 101 3.84 24.42 -23.46
C ARG A 101 3.95 23.89 -22.05
N GLN A 102 2.81 23.74 -21.38
CA GLN A 102 2.76 23.11 -20.08
C GLN A 102 1.72 22.00 -20.11
N LEU A 103 2.10 20.82 -19.67
CA LEU A 103 1.23 19.64 -19.71
C LEU A 103 1.25 18.97 -18.36
N THR A 104 0.08 18.55 -17.91
CA THR A 104 -0.05 17.82 -16.66
C THR A 104 -0.78 16.53 -16.94
N PHE A 105 -0.26 15.43 -16.40
CA PHE A 105 -0.88 14.14 -16.65
C PHE A 105 -0.71 13.25 -15.43
N GLN A 106 -1.56 12.23 -15.34
CA GLN A 106 -1.53 11.30 -14.22
C GLN A 106 -1.18 9.89 -14.69
N THR A 107 -0.33 9.22 -13.93
CA THR A 107 0.07 7.87 -14.31
C THR A 107 -0.89 6.82 -13.76
N SER A 108 -0.74 5.58 -14.25
CA SER A 108 -1.54 4.44 -13.83
C SER A 108 -1.71 4.36 -12.31
N SER A 109 -2.91 4.04 -11.88
CA SER A 109 -3.19 3.83 -10.46
C SER A 109 -3.52 2.37 -10.16
N PRO A 110 -2.50 1.55 -9.82
CA PRO A 110 -2.77 0.12 -9.63
C PRO A 110 -3.60 -0.19 -8.38
N ALA A 111 -4.45 -1.20 -8.51
CA ALA A 111 -5.12 -1.77 -7.35
C ALA A 111 -4.15 -2.64 -6.57
N HIS A 112 -3.24 -3.29 -7.27
CA HIS A 112 -2.27 -4.23 -6.69
C HIS A 112 -0.99 -4.24 -7.50
N LEU A 113 0.11 -4.61 -6.87
CA LEU A 113 1.37 -4.87 -7.57
C LEU A 113 1.71 -6.35 -7.50
N THR A 114 2.36 -6.86 -8.54
CA THR A 114 2.91 -8.23 -8.46
C THR A 114 4.37 -8.24 -8.90
N MET A 115 5.19 -8.96 -8.14
CA MET A 115 6.62 -9.10 -8.43
C MET A 115 6.89 -10.43 -9.12
N PRO A 116 7.58 -10.40 -10.26
CA PRO A 116 7.98 -11.67 -10.88
C PRO A 116 9.29 -12.18 -10.30
N TYR A 117 9.44 -13.50 -10.29
CA TYR A 117 10.68 -14.16 -9.90
C TYR A 117 11.09 -15.10 -11.02
N VAL A 118 12.33 -15.00 -11.48
CA VAL A 118 12.74 -15.83 -12.62
C VAL A 118 13.73 -16.93 -12.22
N MET A 119 13.57 -18.09 -12.82
CA MET A 119 14.55 -19.17 -12.75
C MET A 119 14.89 -19.60 -14.18
N PRO A 120 16.13 -20.10 -14.39
CA PRO A 120 17.21 -20.29 -13.43
C PRO A 120 17.99 -19.01 -13.14
N GLY A 121 19.00 -19.11 -12.27
CA GLY A 121 19.75 -17.93 -11.84
C GLY A 121 20.54 -17.27 -12.95
N ASP A 122 20.80 -15.98 -12.77
CA ASP A 122 21.60 -15.21 -13.71
C ASP A 122 23.05 -15.73 -13.78
N GLY A 123 23.55 -15.95 -15.00
CA GLY A 123 24.89 -16.43 -15.19
C GLY A 123 25.09 -17.91 -14.92
N GLU A 124 24.00 -18.61 -14.64
CA GLU A 124 24.10 -20.06 -14.41
C GLU A 124 24.28 -20.84 -15.70
N VAL A 125 24.90 -22.01 -15.56
CA VAL A 125 24.97 -23.03 -16.60
C VAL A 125 24.06 -24.19 -16.18
N VAL A 126 23.10 -24.53 -17.04
CA VAL A 126 22.09 -25.52 -16.71
C VAL A 126 21.98 -26.60 -17.79
N GLY A 127 21.23 -27.65 -17.48
CA GLY A 127 21.07 -28.77 -18.41
C GLY A 127 20.09 -28.52 -19.55
N VAL A 128 20.02 -29.46 -20.49
CA VAL A 128 19.28 -29.27 -21.74
C VAL A 128 17.75 -29.33 -21.56
N GLY A 129 17.31 -29.65 -20.36
CA GLY A 129 15.89 -29.67 -20.07
C GLY A 129 15.36 -28.48 -19.28
N GLU A 130 16.21 -27.47 -19.02
CA GLU A 130 15.77 -26.36 -18.14
C GLU A 130 14.81 -25.41 -18.84
N PRO A 131 13.56 -25.31 -18.35
CA PRO A 131 12.70 -24.29 -18.97
C PRO A 131 13.00 -22.90 -18.39
N VAL A 132 12.68 -21.85 -19.15
CA VAL A 132 12.58 -20.52 -18.59
C VAL A 132 11.37 -20.52 -17.65
N ALA A 133 11.55 -20.04 -16.42
CA ALA A 133 10.41 -19.98 -15.51
C ALA A 133 10.20 -18.57 -14.96
N ILE A 134 8.98 -18.08 -15.09
CA ILE A 134 8.60 -16.80 -14.49
C ILE A 134 7.43 -17.01 -13.53
N ARG A 135 7.67 -16.77 -12.24
CA ARG A 135 6.66 -16.94 -11.22
C ARG A 135 6.27 -15.62 -10.58
N PHE A 136 5.00 -15.25 -10.71
CA PHE A 136 4.47 -14.03 -10.10
C PHE A 136 3.98 -14.32 -8.70
N ASP A 137 4.04 -13.34 -7.81
CA ASP A 137 3.63 -13.56 -6.43
C ASP A 137 2.14 -13.31 -6.23
N GLU A 138 1.42 -13.11 -7.33
CA GLU A 138 -0.03 -12.99 -7.33
C GLU A 138 -0.61 -13.71 -8.53
N ASN A 139 -1.88 -14.07 -8.48
CA ASN A 139 -2.55 -14.60 -9.66
C ASN A 139 -2.61 -13.56 -10.78
N ILE A 140 -2.34 -14.01 -11.99
CA ILE A 140 -2.36 -13.14 -13.18
C ILE A 140 -3.68 -13.27 -13.95
N ALA A 141 -4.46 -12.18 -13.97
CA ALA A 141 -5.75 -12.21 -14.65
C ALA A 141 -5.59 -12.18 -16.16
N ASP A 142 -4.58 -11.47 -16.65
CA ASP A 142 -4.38 -11.37 -18.09
C ASP A 142 -3.07 -12.04 -18.48
N ARG A 143 -3.09 -13.37 -18.68
CA ARG A 143 -1.89 -14.12 -19.04
C ARG A 143 -1.25 -13.61 -20.33
N GLY A 144 -2.07 -13.16 -21.28
CA GLY A 144 -1.54 -12.67 -22.55
C GLY A 144 -0.64 -11.46 -22.40
N ALA A 145 -1.06 -10.55 -21.53
CA ALA A 145 -0.30 -9.35 -21.26
C ALA A 145 1.04 -9.68 -20.60
N ALA A 146 1.03 -10.67 -19.71
CA ALA A 146 2.27 -11.13 -19.09
C ALA A 146 3.23 -11.73 -20.14
N GLU A 147 2.71 -12.59 -21.00
CA GLU A 147 3.54 -13.21 -22.04
C GLU A 147 4.10 -12.17 -23.00
N LYS A 148 3.27 -11.19 -23.35
CA LYS A 148 3.69 -10.15 -24.27
C LYS A 148 4.82 -9.31 -23.66
N ALA A 149 4.84 -9.22 -22.33
CA ALA A 149 5.83 -8.41 -21.61
C ALA A 149 7.15 -9.14 -21.37
N ILE A 150 7.19 -10.43 -21.68
CA ILE A 150 8.40 -11.24 -21.49
C ILE A 150 9.13 -11.47 -22.80
N LYS A 151 10.35 -10.95 -22.89
CA LYS A 151 11.15 -11.05 -24.11
C LYS A 151 12.26 -12.09 -23.94
N ILE A 152 12.18 -13.19 -24.69
CA ILE A 152 13.18 -14.25 -24.65
C ILE A 152 14.06 -14.20 -25.87
N THR A 153 15.39 -14.15 -25.65
CA THR A 153 16.33 -14.19 -26.76
C THR A 153 17.09 -15.50 -26.66
N THR A 154 17.24 -16.20 -27.78
CA THR A 154 18.05 -17.43 -27.81
C THR A 154 19.10 -17.34 -28.90
N ASN A 155 20.27 -17.93 -28.63
CA ASN A 155 21.35 -17.97 -29.59
C ASN A 155 22.15 -19.26 -29.44
N PRO A 156 22.07 -20.15 -30.45
CA PRO A 156 21.33 -20.02 -31.71
C PRO A 156 19.82 -19.91 -31.49
N PRO A 157 19.14 -19.12 -32.33
CA PRO A 157 17.70 -18.94 -32.15
C PRO A 157 16.96 -20.24 -32.33
N VAL A 158 15.97 -20.47 -31.47
CA VAL A 158 15.14 -21.65 -31.59
C VAL A 158 13.69 -21.27 -31.26
N GLU A 159 12.74 -21.92 -31.94
CA GLU A 159 11.32 -21.72 -31.65
C GLU A 159 11.00 -22.18 -30.23
N GLY A 160 10.22 -21.38 -29.50
CA GLY A 160 9.76 -21.81 -28.19
C GLY A 160 8.39 -21.23 -27.93
N ALA A 161 7.80 -21.59 -26.81
CA ALA A 161 6.44 -21.12 -26.52
C ALA A 161 6.19 -21.07 -25.03
N PHE A 162 5.25 -20.23 -24.63
CA PHE A 162 4.82 -20.11 -23.25
C PHE A 162 3.73 -21.12 -22.88
N TYR A 163 3.80 -21.63 -21.65
CA TYR A 163 2.71 -22.46 -21.12
C TYR A 163 2.61 -22.27 -19.62
N TRP A 164 1.38 -22.10 -19.12
CA TRP A 164 1.16 -21.82 -17.70
C TRP A 164 0.99 -23.09 -16.89
N LEU A 165 1.75 -23.21 -15.80
CA LEU A 165 1.66 -24.38 -14.94
C LEU A 165 0.55 -24.22 -13.93
N ASN A 166 0.28 -22.96 -13.59
CA ASN A 166 -0.79 -22.60 -12.66
C ASN A 166 -1.10 -21.12 -12.86
N ASN A 167 -1.89 -20.54 -11.97
CA ASN A 167 -2.27 -19.14 -12.15
C ASN A 167 -1.15 -18.13 -11.96
N ARG A 168 -0.01 -18.58 -11.43
CA ARG A 168 1.07 -17.66 -11.08
C ARG A 168 2.37 -17.87 -11.85
N GLU A 169 2.59 -19.07 -12.37
CA GLU A 169 3.88 -19.38 -12.98
C GLU A 169 3.73 -19.81 -14.44
N VAL A 170 4.48 -19.13 -15.33
CA VAL A 170 4.52 -19.48 -16.74
C VAL A 170 5.90 -20.04 -17.07
N ARG A 171 5.95 -20.95 -18.04
CA ARG A 171 7.19 -21.58 -18.48
C ARG A 171 7.36 -21.33 -19.98
N TRP A 172 8.61 -21.24 -20.46
CA TRP A 172 8.90 -21.13 -21.88
C TRP A 172 9.97 -22.17 -22.22
N ARG A 173 9.75 -22.94 -23.29
CA ARG A 173 10.76 -23.92 -23.71
C ARG A 173 10.60 -24.23 -25.19
N PRO A 174 11.65 -24.80 -25.80
CA PRO A 174 11.59 -25.28 -27.19
C PRO A 174 10.83 -26.60 -27.30
N GLU A 175 10.62 -27.03 -28.53
CA GLU A 175 10.06 -28.35 -28.84
C GLU A 175 10.89 -29.48 -28.26
N HIS A 176 12.19 -29.44 -28.49
CA HIS A 176 13.07 -30.49 -28.01
C HIS A 176 14.05 -29.93 -26.99
N PHE A 177 14.77 -30.82 -26.32
CA PHE A 177 15.80 -30.39 -25.38
C PHE A 177 16.72 -29.36 -26.04
N TRP A 178 17.15 -28.37 -25.28
CA TRP A 178 18.10 -27.36 -25.76
C TRP A 178 19.35 -27.98 -26.34
N LYS A 179 19.89 -27.32 -27.35
CA LYS A 179 21.23 -27.61 -27.80
C LYS A 179 22.29 -27.04 -26.84
N PRO A 180 23.23 -27.90 -26.42
CA PRO A 180 24.37 -27.41 -25.62
C PRO A 180 25.05 -26.20 -26.25
N GLY A 181 25.44 -25.23 -25.44
CA GLY A 181 26.09 -24.03 -25.93
C GLY A 181 25.12 -22.90 -26.23
N THR A 182 23.83 -23.13 -25.99
CA THR A 182 22.84 -22.10 -26.29
C THR A 182 22.80 -21.04 -25.21
N ALA A 183 22.82 -19.78 -25.63
CA ALA A 183 22.64 -18.66 -24.72
C ALA A 183 21.15 -18.33 -24.64
N VAL A 184 20.65 -18.07 -23.43
CA VAL A 184 19.24 -17.74 -23.24
C VAL A 184 19.09 -16.47 -22.42
N ASP A 185 18.40 -15.47 -22.97
CA ASP A 185 18.24 -14.21 -22.27
C ASP A 185 16.76 -13.96 -22.00
N VAL A 186 16.44 -13.55 -20.78
CA VAL A 186 15.05 -13.41 -20.37
C VAL A 186 14.85 -12.02 -19.77
N ALA A 187 14.10 -11.18 -20.46
CA ALA A 187 13.77 -9.86 -19.97
C ALA A 187 12.28 -9.80 -19.63
N VAL A 188 11.98 -9.71 -18.34
CA VAL A 188 10.60 -9.65 -17.88
C VAL A 188 10.27 -8.17 -17.66
N ASN A 189 9.66 -7.57 -18.68
CA ASN A 189 9.43 -6.12 -18.69
C ASN A 189 8.03 -5.78 -18.24
N THR A 190 7.76 -6.09 -16.98
CA THR A 190 6.42 -5.99 -16.43
C THR A 190 6.14 -4.65 -15.70
N TYR A 191 7.17 -3.85 -15.46
CA TYR A 191 6.93 -2.59 -14.76
C TYR A 191 6.09 -1.69 -15.65
N GLY A 192 5.01 -1.15 -15.10
CA GLY A 192 4.10 -0.30 -15.86
C GLY A 192 3.06 -1.04 -16.68
N VAL A 193 3.13 -2.37 -16.67
CA VAL A 193 2.21 -3.16 -17.48
C VAL A 193 1.00 -3.61 -16.67
N ASP A 194 -0.18 -3.38 -17.23
CA ASP A 194 -1.44 -3.83 -16.67
C ASP A 194 -1.60 -5.32 -16.93
N LEU A 195 -1.55 -6.12 -15.87
CA LEU A 195 -1.62 -7.56 -16.00
C LEU A 195 -3.03 -8.05 -15.69
N GLY A 196 -4.00 -7.15 -15.79
CA GLY A 196 -5.40 -7.51 -15.63
C GLY A 196 -5.96 -7.16 -14.26
N GLU A 197 -7.22 -6.72 -14.22
CA GLU A 197 -7.91 -6.42 -12.96
C GLU A 197 -7.15 -5.44 -12.07
N GLY A 198 -6.48 -4.47 -12.69
CA GLY A 198 -5.79 -3.43 -11.93
C GLY A 198 -4.49 -3.87 -11.31
N MET A 199 -3.99 -5.04 -11.71
CA MET A 199 -2.73 -5.51 -11.21
C MET A 199 -1.60 -5.08 -12.14
N PHE A 200 -0.57 -4.45 -11.57
CA PHE A 200 0.56 -3.98 -12.35
C PHE A 200 1.86 -4.59 -11.86
N GLY A 201 2.84 -4.66 -12.74
CA GLY A 201 4.14 -5.20 -12.37
C GLY A 201 4.85 -4.31 -11.37
N GLU A 202 5.36 -4.90 -10.29
CA GLU A 202 6.11 -4.17 -9.29
C GLU A 202 7.46 -3.67 -9.80
N ASP A 203 8.11 -4.45 -10.65
CA ASP A 203 9.38 -4.06 -11.24
C ASP A 203 9.69 -4.94 -12.45
N ASN A 204 10.76 -4.64 -13.16
CA ASN A 204 11.27 -5.53 -14.20
C ASN A 204 12.23 -6.50 -13.56
N VAL A 205 12.46 -7.64 -14.20
CA VAL A 205 13.53 -8.53 -13.76
C VAL A 205 14.19 -9.08 -15.01
N GLN A 206 15.43 -9.52 -14.86
CA GLN A 206 16.19 -9.99 -16.00
C GLN A 206 17.07 -11.16 -15.56
N THR A 207 17.30 -12.10 -16.47
CA THR A 207 18.27 -13.15 -16.18
C THR A 207 18.85 -13.62 -17.49
N HIS A 208 20.01 -14.24 -17.40
CA HIS A 208 20.65 -14.79 -18.58
C HIS A 208 21.30 -16.10 -18.15
N PHE A 209 21.16 -17.14 -18.96
CA PHE A 209 21.80 -18.40 -18.61
C PHE A 209 22.28 -19.10 -19.85
N THR A 210 22.97 -20.21 -19.67
CA THR A 210 23.59 -20.92 -20.76
C THR A 210 23.37 -22.42 -20.59
N ILE A 211 23.15 -23.11 -21.70
CA ILE A 211 22.96 -24.54 -21.67
C ILE A 211 24.30 -25.24 -21.75
N GLY A 212 24.54 -26.13 -20.80
CA GLY A 212 25.76 -26.95 -20.78
C GLY A 212 25.64 -28.31 -21.45
N ASP A 213 26.43 -29.27 -20.97
CA ASP A 213 26.44 -30.61 -21.56
C ASP A 213 25.08 -31.27 -21.49
N GLU A 214 24.84 -32.16 -22.45
CA GLU A 214 23.64 -33.00 -22.43
C GLU A 214 23.85 -34.15 -21.44
N VAL A 215 23.04 -34.16 -20.39
CA VAL A 215 23.12 -35.17 -19.35
C VAL A 215 21.72 -35.74 -19.17
N ILE A 216 21.56 -37.01 -19.52
CA ILE A 216 20.29 -37.70 -19.46
C ILE A 216 20.48 -39.01 -18.72
N ALA A 217 19.81 -39.15 -17.58
CA ALA A 217 19.91 -40.36 -16.78
C ALA A 217 18.63 -41.16 -16.90
N THR A 218 18.74 -42.39 -17.36
CA THR A 218 17.56 -43.21 -17.57
C THR A 218 17.45 -44.32 -16.52
N ALA A 219 16.30 -44.37 -15.85
CA ALA A 219 16.00 -45.44 -14.90
C ALA A 219 14.99 -46.39 -15.53
N ASP A 220 15.42 -47.63 -15.76
CA ASP A 220 14.61 -48.62 -16.44
C ASP A 220 14.17 -49.65 -15.42
N ASP A 221 12.87 -49.73 -15.18
CA ASP A 221 12.34 -50.62 -14.15
C ASP A 221 12.61 -52.09 -14.49
N ASN A 222 12.85 -52.39 -15.76
CA ASN A 222 13.16 -53.76 -16.18
C ASN A 222 14.53 -54.25 -15.72
N THR A 223 15.46 -53.33 -15.51
CA THR A 223 16.82 -53.69 -15.10
C THR A 223 17.13 -53.15 -13.70
N LYS A 224 16.31 -52.20 -13.27
CA LYS A 224 16.52 -51.46 -12.02
C LYS A 224 17.93 -50.86 -11.93
N ILE A 225 18.36 -50.29 -13.06
CA ILE A 225 19.59 -49.53 -13.15
C ILE A 225 19.26 -48.09 -13.62
N LEU A 226 19.91 -47.12 -12.98
CA LEU A 226 19.86 -45.74 -13.44
C LEU A 226 21.16 -45.45 -14.16
N THR A 227 21.06 -45.26 -15.48
CA THR A 227 22.23 -45.08 -16.34
C THR A 227 22.42 -43.63 -16.73
N VAL A 228 23.57 -43.08 -16.39
CA VAL A 228 23.82 -41.66 -16.65
C VAL A 228 24.62 -41.53 -17.95
N ARG A 229 24.05 -40.82 -18.92
CA ARG A 229 24.74 -40.56 -20.18
C ARG A 229 25.06 -39.08 -20.32
N VAL A 230 26.32 -38.81 -20.67
CA VAL A 230 26.80 -37.48 -20.91
C VAL A 230 27.15 -37.36 -22.38
N ASN A 231 26.41 -36.49 -23.08
CA ASN A 231 26.55 -36.34 -24.51
C ASN A 231 26.52 -37.70 -25.22
N GLY A 232 25.63 -38.56 -24.75
CA GLY A 232 25.39 -39.83 -25.39
C GLY A 232 26.23 -40.99 -24.89
N GLU A 233 27.24 -40.71 -24.06
CA GLU A 233 28.13 -41.77 -23.53
C GLU A 233 27.77 -42.17 -22.11
N VAL A 234 27.68 -43.47 -21.85
CA VAL A 234 27.48 -43.95 -20.47
C VAL A 234 28.69 -43.64 -19.60
N VAL A 235 28.48 -42.88 -18.52
CA VAL A 235 29.56 -42.60 -17.60
C VAL A 235 29.31 -43.26 -16.23
N LYS A 236 28.08 -43.70 -16.00
CA LYS A 236 27.69 -44.21 -14.68
C LYS A 236 26.50 -45.14 -14.78
N SER A 237 26.54 -46.24 -14.02
CA SER A 237 25.43 -47.17 -14.00
C SER A 237 25.10 -47.51 -12.55
N MET A 238 23.99 -46.97 -12.05
CA MET A 238 23.68 -47.05 -10.62
C MET A 238 22.55 -48.04 -10.32
N PRO A 239 22.83 -49.07 -9.51
CA PRO A 239 21.70 -49.89 -9.06
C PRO A 239 20.69 -49.02 -8.28
N THR A 240 19.41 -49.18 -8.56
CA THR A 240 18.42 -48.37 -7.88
C THR A 240 17.25 -49.22 -7.39
N SER A 241 16.56 -48.71 -6.37
CA SER A 241 15.30 -49.28 -5.94
C SER A 241 14.28 -48.18 -6.01
N MET A 242 13.31 -48.34 -6.90
CA MET A 242 12.31 -47.30 -7.08
C MET A 242 11.07 -47.60 -6.24
N GLY A 243 9.95 -46.97 -6.60
CA GLY A 243 8.74 -47.10 -5.81
C GLY A 243 8.18 -48.51 -5.81
N LYS A 244 7.84 -49.00 -4.62
CA LYS A 244 7.19 -50.30 -4.51
C LYS A 244 5.85 -50.24 -5.25
N ASP A 245 5.36 -51.41 -5.66
CA ASP A 245 4.14 -51.53 -6.47
C ASP A 245 2.98 -50.65 -6.01
N SER A 246 2.84 -50.47 -4.71
CA SER A 246 1.72 -49.73 -4.14
C SER A 246 1.96 -48.23 -4.14
N THR A 247 3.23 -47.84 -4.22
CA THR A 247 3.60 -46.42 -4.35
C THR A 247 4.68 -46.25 -5.42
N PRO A 248 4.32 -46.52 -6.68
CA PRO A 248 5.31 -46.62 -7.75
C PRO A 248 5.89 -45.29 -8.18
N THR A 249 7.04 -45.33 -8.85
CA THR A 249 7.62 -44.14 -9.47
C THR A 249 6.95 -43.94 -10.82
N ALA A 250 6.43 -42.74 -11.06
CA ALA A 250 5.79 -42.48 -12.34
C ALA A 250 6.79 -42.53 -13.48
N ASN A 251 6.37 -43.08 -14.61
CA ASN A 251 7.18 -43.02 -15.82
C ASN A 251 7.22 -41.60 -16.32
N GLY A 252 8.24 -41.28 -17.11
CA GLY A 252 8.25 -40.00 -17.81
C GLY A 252 9.54 -39.22 -17.68
N ILE A 253 9.50 -37.98 -18.16
CA ILE A 253 10.67 -37.12 -18.20
C ILE A 253 10.64 -36.20 -16.99
N TYR A 254 11.71 -36.22 -16.21
CA TYR A 254 11.85 -35.37 -15.05
C TYR A 254 12.98 -34.36 -15.28
N ILE A 255 12.75 -33.10 -14.93
CA ILE A 255 13.80 -32.10 -14.93
C ILE A 255 14.49 -32.04 -13.57
N VAL A 256 15.81 -32.14 -13.55
CA VAL A 256 16.53 -32.01 -12.29
C VAL A 256 16.41 -30.59 -11.73
N GLY A 257 16.05 -30.49 -10.45
CA GLY A 257 15.98 -29.21 -9.78
C GLY A 257 17.14 -29.01 -8.79
N SER A 258 16.80 -28.72 -7.54
CA SER A 258 17.79 -28.40 -6.51
C SER A 258 18.45 -29.65 -5.94
N ARG A 259 19.62 -29.46 -5.33
CA ARG A 259 20.36 -30.56 -4.74
C ARG A 259 20.75 -30.24 -3.32
N TYR A 260 20.81 -31.26 -2.48
CA TYR A 260 21.05 -31.09 -1.05
C TYR A 260 22.06 -32.09 -0.52
N LYS A 261 23.07 -31.62 0.22
CA LYS A 261 24.02 -32.50 0.88
C LYS A 261 23.30 -33.37 1.91
N HIS A 262 22.22 -32.82 2.45
CA HIS A 262 21.31 -33.55 3.30
C HIS A 262 20.03 -32.73 3.40
N ILE A 263 18.90 -33.39 3.59
CA ILE A 263 17.63 -32.68 3.69
C ILE A 263 16.63 -33.51 4.46
N ILE A 264 15.84 -32.86 5.31
CA ILE A 264 14.74 -33.56 5.97
C ILE A 264 13.55 -33.65 5.03
N MET A 265 13.21 -34.87 4.63
CA MET A 265 12.03 -35.15 3.82
C MET A 265 10.78 -35.13 4.66
N ASP A 266 9.92 -34.14 4.44
CA ASP A 266 8.70 -34.00 5.23
C ASP A 266 7.50 -34.20 4.33
N SER A 267 6.73 -35.25 4.59
CA SER A 267 5.62 -35.64 3.72
C SER A 267 4.57 -34.55 3.60
N SER A 268 4.41 -33.75 4.66
CA SER A 268 3.41 -32.70 4.64
C SER A 268 3.77 -31.59 3.66
N THR A 269 5.06 -31.45 3.35
CA THR A 269 5.51 -30.54 2.31
C THR A 269 4.85 -30.91 0.98
N TYR A 270 4.65 -32.21 0.78
CA TYR A 270 4.08 -32.73 -0.46
C TYR A 270 2.65 -33.19 -0.28
N GLY A 271 1.99 -32.70 0.77
CA GLY A 271 0.57 -32.90 0.94
C GLY A 271 0.11 -33.98 1.91
N VAL A 272 1.04 -34.75 2.48
CA VAL A 272 0.69 -35.91 3.30
C VAL A 272 1.12 -35.77 4.76
N PRO A 273 0.16 -35.84 5.70
CA PRO A 273 0.47 -35.73 7.14
C PRO A 273 1.53 -36.75 7.56
N VAL A 274 2.40 -36.37 8.48
CA VAL A 274 3.47 -37.28 8.85
C VAL A 274 2.90 -38.48 9.60
N ASN A 275 1.96 -38.21 10.51
CA ASN A 275 1.36 -39.25 11.33
C ASN A 275 0.42 -40.15 10.50
N SER A 276 0.16 -39.75 9.25
CA SER A 276 -0.59 -40.54 8.28
C SER A 276 0.04 -41.89 7.98
N PRO A 277 -0.72 -42.81 7.34
CA PRO A 277 -0.17 -44.05 6.80
C PRO A 277 0.97 -43.85 5.79
N ASN A 278 0.74 -43.05 4.75
CA ASN A 278 1.77 -42.81 3.74
C ASN A 278 2.70 -41.65 4.12
N GLY A 279 2.61 -41.20 5.37
CA GLY A 279 3.38 -40.07 5.85
C GLY A 279 4.79 -40.45 6.28
N TYR A 280 5.63 -39.45 6.44
CA TYR A 280 7.05 -39.68 6.75
C TYR A 280 7.74 -38.37 7.08
N ARG A 281 8.81 -38.47 7.87
CA ARG A 281 9.69 -37.34 8.11
C ARG A 281 11.07 -37.89 8.42
N THR A 282 11.94 -37.85 7.42
CA THR A 282 13.21 -38.55 7.51
C THR A 282 14.34 -37.73 6.92
N ASP A 283 15.51 -37.79 7.56
CA ASP A 283 16.65 -37.03 7.10
C ASP A 283 17.46 -37.93 6.17
N VAL A 284 17.75 -37.44 4.96
CA VAL A 284 18.47 -38.27 4.00
C VAL A 284 19.64 -37.52 3.39
N ASP A 285 20.64 -38.27 2.94
CA ASP A 285 21.85 -37.65 2.39
C ASP A 285 21.81 -37.60 0.86
N TRP A 286 22.55 -36.64 0.32
CA TRP A 286 22.83 -36.53 -1.11
C TRP A 286 21.56 -36.67 -1.93
N ALA A 287 20.68 -35.68 -1.79
CA ALA A 287 19.37 -35.75 -2.42
C ALA A 287 19.25 -34.73 -3.54
N THR A 288 18.97 -35.23 -4.73
CA THR A 288 18.72 -34.40 -5.90
C THR A 288 17.23 -34.46 -6.23
N GLN A 289 16.55 -33.31 -6.18
CA GLN A 289 15.11 -33.28 -6.44
C GLN A 289 14.80 -33.40 -7.93
N ILE A 290 13.83 -34.24 -8.32
CA ILE A 290 13.48 -34.32 -9.73
C ILE A 290 11.97 -34.16 -9.99
N SER A 291 11.16 -34.10 -8.92
CA SER A 291 9.80 -33.58 -9.10
C SER A 291 9.35 -32.73 -7.92
N TYR A 292 8.41 -31.82 -8.18
CA TYR A 292 7.80 -31.04 -7.11
C TYR A 292 6.98 -31.92 -6.20
N SER A 293 6.48 -33.02 -6.75
CA SER A 293 5.69 -33.98 -5.98
C SER A 293 6.55 -34.75 -4.98
N GLY A 294 7.86 -34.47 -4.98
CA GLY A 294 8.76 -35.01 -3.97
C GLY A 294 9.59 -36.22 -4.37
N VAL A 295 9.71 -36.49 -5.66
CA VAL A 295 10.62 -37.55 -6.11
C VAL A 295 12.05 -37.01 -6.06
N PHE A 296 12.93 -37.74 -5.39
CA PHE A 296 14.36 -37.42 -5.29
C PHE A 296 15.21 -38.63 -5.70
N VAL A 297 16.41 -38.35 -6.21
CA VAL A 297 17.49 -39.34 -6.21
C VAL A 297 18.22 -39.13 -4.91
N HIS A 298 18.38 -40.16 -4.07
CA HIS A 298 19.09 -39.91 -2.82
C HIS A 298 19.74 -41.18 -2.26
N SER A 299 20.60 -40.97 -1.28
CA SER A 299 21.31 -42.04 -0.58
C SER A 299 20.33 -42.87 0.25
N ALA A 300 20.40 -44.18 0.08
CA ALA A 300 19.56 -45.09 0.86
C ALA A 300 20.38 -46.28 1.33
N PRO A 301 21.21 -46.08 2.37
CA PRO A 301 22.03 -47.19 2.89
C PRO A 301 21.19 -48.40 3.32
N TRP A 302 19.92 -48.18 3.68
CA TRP A 302 19.08 -49.28 4.16
C TRP A 302 18.60 -50.23 3.06
N SER A 303 18.64 -49.80 1.80
CA SER A 303 18.12 -50.65 0.74
C SER A 303 19.18 -51.08 -0.29
N VAL A 304 20.45 -51.00 0.07
CA VAL A 304 21.50 -51.34 -0.88
C VAL A 304 21.32 -52.78 -1.36
N GLY A 305 20.83 -53.65 -0.48
CA GLY A 305 20.50 -55.02 -0.86
C GLY A 305 19.45 -55.11 -1.97
N ALA A 306 18.47 -54.21 -1.94
CA ALA A 306 17.37 -54.24 -2.90
C ALA A 306 17.70 -53.53 -4.21
N GLN A 307 18.56 -52.51 -4.13
CA GLN A 307 18.94 -51.70 -5.29
C GLN A 307 19.50 -52.58 -6.40
N GLY A 308 18.86 -52.53 -7.56
CA GLY A 308 19.22 -53.40 -8.68
C GLY A 308 18.40 -54.68 -8.74
N HIS A 309 17.48 -54.88 -7.81
CA HIS A 309 16.70 -56.13 -7.76
C HIS A 309 15.20 -55.94 -7.58
N THR A 310 14.81 -55.28 -6.50
CA THR A 310 13.41 -55.06 -6.18
C THR A 310 13.11 -53.61 -5.78
N ASN A 311 11.91 -53.12 -6.12
CA ASN A 311 11.48 -51.78 -5.71
C ASN A 311 10.94 -51.74 -4.28
N THR A 312 11.45 -50.80 -3.48
CA THR A 312 11.08 -50.71 -2.07
C THR A 312 10.70 -49.32 -1.58
N SER A 313 10.78 -48.30 -2.44
CA SER A 313 10.63 -46.93 -1.96
C SER A 313 9.20 -46.40 -2.02
N HIS A 314 9.02 -45.19 -1.48
CA HIS A 314 7.79 -44.42 -1.60
C HIS A 314 7.66 -43.73 -2.97
N GLY A 315 8.62 -43.97 -3.86
CA GLY A 315 8.61 -43.35 -5.17
C GLY A 315 9.97 -42.79 -5.57
N CYS A 316 10.78 -42.46 -4.58
CA CYS A 316 12.15 -42.01 -4.82
C CYS A 316 13.01 -43.02 -5.57
N LEU A 317 14.08 -42.50 -6.16
CA LEU A 317 15.11 -43.32 -6.78
C LEU A 317 16.21 -43.54 -5.75
N ASN A 318 16.11 -44.64 -5.02
CA ASN A 318 17.08 -44.97 -3.99
C ASN A 318 18.35 -45.47 -4.62
N VAL A 319 19.49 -44.90 -4.27
CA VAL A 319 20.76 -45.45 -4.73
C VAL A 319 21.72 -45.56 -3.55
N SER A 320 22.93 -46.05 -3.82
CA SER A 320 23.92 -46.17 -2.75
C SER A 320 24.42 -44.79 -2.35
N PRO A 321 24.93 -44.67 -1.12
CA PRO A 321 25.50 -43.40 -0.68
C PRO A 321 26.55 -42.84 -1.63
N SER A 322 27.45 -43.67 -2.15
CA SER A 322 28.48 -43.12 -3.01
C SER A 322 27.88 -42.71 -4.37
N ASN A 323 26.92 -43.48 -4.88
CA ASN A 323 26.25 -43.08 -6.13
C ASN A 323 25.35 -41.85 -5.97
N ALA A 324 24.77 -41.68 -4.78
CA ALA A 324 23.96 -40.49 -4.56
C ALA A 324 24.87 -39.25 -4.53
N GLN A 325 26.04 -39.39 -3.91
CA GLN A 325 26.97 -38.28 -3.86
C GLN A 325 27.54 -38.00 -5.26
N TRP A 326 27.79 -39.06 -6.03
CA TRP A 326 28.22 -38.88 -7.42
C TRP A 326 27.18 -38.07 -8.19
N PHE A 327 25.90 -38.43 -8.03
CA PHE A 327 24.81 -37.73 -8.72
C PHE A 327 24.77 -36.26 -8.30
N TYR A 328 24.90 -36.01 -7.01
CA TYR A 328 24.99 -34.64 -6.49
C TYR A 328 26.13 -33.85 -7.16
N ASP A 329 27.28 -34.50 -7.31
CA ASP A 329 28.48 -33.81 -7.82
C ASP A 329 28.46 -33.57 -9.33
N HIS A 330 27.82 -34.46 -10.06
CA HIS A 330 27.97 -34.52 -11.52
C HIS A 330 26.71 -34.18 -12.32
N VAL A 331 25.57 -34.11 -11.64
CA VAL A 331 24.32 -33.75 -12.33
C VAL A 331 23.93 -32.36 -11.86
N LYS A 332 23.44 -31.54 -12.79
CA LYS A 332 23.13 -30.14 -12.50
C LYS A 332 21.65 -29.86 -12.79
N ARG A 333 21.16 -28.77 -12.22
CA ARG A 333 19.83 -28.26 -12.51
C ARG A 333 19.59 -28.21 -14.00
N GLY A 334 18.45 -28.75 -14.43
CA GLY A 334 18.13 -28.74 -15.84
C GLY A 334 18.54 -29.99 -16.61
N ASP A 335 19.38 -30.82 -16.01
CA ASP A 335 19.67 -32.14 -16.58
C ASP A 335 18.38 -32.98 -16.52
N ILE A 336 18.38 -34.12 -17.20
CA ILE A 336 17.16 -34.90 -17.37
C ILE A 336 17.25 -36.26 -16.71
N VAL A 337 16.18 -36.66 -16.02
CA VAL A 337 16.00 -38.06 -15.60
C VAL A 337 14.77 -38.61 -16.31
N GLU A 338 14.92 -39.74 -17.01
CA GLU A 338 13.78 -40.38 -17.64
C GLU A 338 13.50 -41.71 -16.95
N VAL A 339 12.28 -41.89 -16.48
CA VAL A 339 11.91 -43.17 -15.88
C VAL A 339 11.05 -43.93 -16.90
N VAL A 340 11.32 -45.23 -17.09
CA VAL A 340 10.57 -46.03 -18.05
C VAL A 340 10.25 -47.41 -17.50
N ASN A 341 9.17 -48.00 -18.02
CA ASN A 341 8.76 -49.39 -17.74
C ASN A 341 8.32 -49.70 -16.31
N THR A 342 7.96 -48.69 -15.53
CA THR A 342 7.40 -48.95 -14.21
C THR A 342 5.90 -49.21 -14.31
N VAL A 343 5.33 -49.70 -13.22
CA VAL A 343 3.90 -49.97 -13.18
C VAL A 343 3.12 -48.72 -12.79
N GLY A 344 3.81 -47.58 -12.71
CA GLY A 344 3.17 -46.33 -12.38
C GLY A 344 2.59 -45.65 -13.61
N GLY A 345 1.98 -44.49 -13.40
CA GLY A 345 1.44 -43.70 -14.50
C GLY A 345 2.54 -42.88 -15.15
N THR A 346 2.16 -41.72 -15.68
CA THR A 346 3.10 -40.78 -16.27
C THR A 346 3.13 -39.54 -15.37
N LEU A 347 4.32 -39.00 -15.15
CA LEU A 347 4.44 -37.77 -14.36
C LEU A 347 3.59 -36.66 -14.97
N PRO A 348 2.80 -35.96 -14.15
CA PRO A 348 1.96 -34.84 -14.64
C PRO A 348 2.78 -33.75 -15.35
N GLY A 349 2.31 -33.30 -16.50
CA GLY A 349 2.97 -32.23 -17.24
C GLY A 349 3.13 -30.96 -16.42
N ILE A 350 2.23 -30.73 -15.47
CA ILE A 350 2.28 -29.50 -14.68
C ILE A 350 2.77 -29.74 -13.25
N ASP A 351 3.55 -30.80 -13.05
CA ASP A 351 4.16 -31.07 -11.75
C ASP A 351 4.92 -29.87 -11.20
N GLY A 352 5.67 -29.20 -12.07
CA GLY A 352 6.70 -28.28 -11.65
C GLY A 352 8.03 -28.61 -12.33
N LEU A 353 8.29 -29.91 -12.51
CA LEU A 353 9.50 -30.36 -13.19
C LEU A 353 9.13 -31.39 -14.26
N GLY A 354 7.85 -31.42 -14.62
CA GLY A 354 7.35 -32.38 -15.60
C GLY A 354 6.99 -31.80 -16.96
N ASP A 355 7.52 -30.62 -17.27
CA ASP A 355 7.10 -29.88 -18.47
C ASP A 355 7.25 -30.64 -19.79
N TRP A 356 8.24 -31.52 -19.89
CA TRP A 356 8.52 -32.19 -21.16
C TRP A 356 7.53 -33.33 -21.43
N ASN A 357 6.66 -33.63 -20.48
CA ASN A 357 5.66 -34.69 -20.71
C ASN A 357 4.42 -34.16 -21.42
N ILE A 358 4.37 -32.85 -21.58
CA ILE A 358 3.30 -32.22 -22.34
C ILE A 358 3.68 -32.27 -23.81
N PRO A 359 2.79 -32.86 -24.64
CA PRO A 359 3.05 -32.91 -26.09
C PRO A 359 3.29 -31.52 -26.66
N TRP A 360 4.21 -31.41 -27.60
CA TRP A 360 4.57 -30.10 -28.16
C TRP A 360 3.38 -29.37 -28.78
N ASP A 361 2.49 -30.09 -29.44
CA ASP A 361 1.32 -29.42 -30.04
C ASP A 361 0.47 -28.72 -28.99
N GLN A 362 0.32 -29.33 -27.82
CA GLN A 362 -0.43 -28.75 -26.72
C GLN A 362 0.32 -27.60 -26.06
N TRP A 363 1.60 -27.80 -25.80
CA TRP A 363 2.43 -26.76 -25.20
C TRP A 363 2.47 -25.53 -26.10
N ARG A 364 2.79 -25.74 -27.38
CA ARG A 364 2.90 -24.63 -28.32
C ARG A 364 1.59 -23.85 -28.46
N ALA A 365 0.46 -24.55 -28.37
CA ALA A 365 -0.84 -23.89 -28.44
C ALA A 365 -1.06 -22.99 -27.22
N GLY A 366 -0.46 -23.38 -26.08
CA GLY A 366 -0.48 -22.54 -24.90
C GLY A 366 -1.83 -22.54 -24.18
N ASN A 367 -1.93 -21.76 -23.12
CA ASN A 367 -3.18 -21.64 -22.37
C ASN A 367 -3.38 -20.25 -21.77
N ALA A 368 -3.09 -19.22 -22.57
CA ALA A 368 -3.18 -17.84 -22.09
C ALA A 368 -4.63 -17.41 -21.82
N LYS A 369 -5.60 -18.14 -22.37
CA LYS A 369 -7.01 -17.87 -22.05
C LYS A 369 -7.45 -18.54 -20.75
N LEU B 20 -48.33 54.39 30.14
CA LEU B 20 -47.00 54.23 29.56
C LEU B 20 -47.06 53.72 28.12
N VAL B 21 -46.32 54.38 27.23
CA VAL B 21 -46.21 53.92 25.86
C VAL B 21 -45.17 52.80 25.80
N PRO B 22 -45.40 51.79 24.93
CA PRO B 22 -44.47 50.66 24.85
C PRO B 22 -43.10 51.04 24.34
N LYS B 23 -42.07 50.34 24.79
CA LYS B 23 -40.71 50.60 24.35
C LYS B 23 -40.17 49.38 23.62
N LEU B 24 -39.52 49.61 22.49
CA LEU B 24 -38.91 48.52 21.71
C LEU B 24 -37.39 48.49 21.87
N THR B 25 -36.84 47.32 22.19
CA THR B 25 -35.39 47.13 22.31
C THR B 25 -34.95 45.99 21.43
N ALA B 26 -33.95 46.23 20.59
CA ALA B 26 -33.41 45.16 19.75
C ALA B 26 -31.97 44.78 20.15
N SER B 27 -31.51 43.62 19.65
CA SER B 27 -30.16 43.14 19.92
C SER B 27 -29.13 43.76 18.96
N VAL B 28 -29.64 44.57 18.04
CA VAL B 28 -28.84 45.31 17.08
C VAL B 28 -29.31 46.75 17.21
N THR B 29 -28.59 47.72 16.64
CA THR B 29 -29.05 49.10 16.66
C THR B 29 -29.12 49.67 15.25
N ASP B 30 -29.94 50.70 15.06
CA ASP B 30 -30.14 51.26 13.74
C ASP B 30 -28.85 51.70 13.03
N GLY B 31 -27.89 52.30 13.72
CA GLY B 31 -26.66 52.56 12.96
C GLY B 31 -25.81 51.41 12.35
N ALA B 32 -26.11 50.17 12.71
CA ALA B 32 -25.01 49.19 12.87
C ALA B 32 -24.38 48.60 11.60
N VAL B 33 -23.07 48.43 11.67
CA VAL B 33 -22.30 47.85 10.59
C VAL B 33 -21.44 46.74 11.20
N GLY B 34 -21.04 45.76 10.39
CA GLY B 34 -20.22 44.68 10.88
C GLY B 34 -20.91 43.77 11.88
N VAL B 35 -22.25 43.73 11.82
CA VAL B 35 -23.02 42.88 12.72
C VAL B 35 -22.71 41.41 12.44
N THR B 36 -22.34 40.66 13.47
CA THR B 36 -21.91 39.29 13.24
C THR B 36 -23.11 38.36 13.22
N VAL B 37 -22.99 37.33 12.40
CA VAL B 37 -24.11 36.47 12.14
C VAL B 37 -23.94 35.13 12.88
N ASP B 38 -23.14 35.15 13.95
CA ASP B 38 -23.00 33.96 14.79
C ASP B 38 -24.14 33.82 15.80
N ALA B 39 -25.05 34.78 15.81
CA ALA B 39 -26.14 34.77 16.77
C ALA B 39 -27.44 35.29 16.14
N PRO B 40 -28.60 34.89 16.69
CA PRO B 40 -29.85 35.42 16.16
C PRO B 40 -30.03 36.90 16.49
N VAL B 41 -30.93 37.57 15.78
CA VAL B 41 -31.30 38.95 16.07
C VAL B 41 -32.63 38.91 16.81
N SER B 42 -32.74 39.63 17.91
CA SER B 42 -33.98 39.65 18.67
C SER B 42 -34.52 41.05 18.98
N VAL B 43 -35.82 41.10 19.28
CA VAL B 43 -36.50 42.31 19.70
C VAL B 43 -37.34 42.01 20.93
N THR B 44 -37.34 42.93 21.89
CA THR B 44 -38.12 42.74 23.10
C THR B 44 -39.01 43.97 23.30
N ALA B 45 -40.22 43.78 23.81
CA ALA B 45 -41.06 44.92 24.17
C ALA B 45 -41.09 45.08 25.70
N ALA B 46 -41.21 46.32 26.16
CA ALA B 46 -41.16 46.61 27.59
C ALA B 46 -42.53 46.83 28.21
N ASP B 47 -43.23 47.87 27.77
CA ASP B 47 -44.48 48.25 28.43
C ASP B 47 -45.69 47.96 27.54
N GLY B 48 -45.81 46.71 27.14
CA GLY B 48 -46.74 46.31 26.11
C GLY B 48 -46.19 45.06 25.49
N VAL B 49 -46.74 44.69 24.34
CA VAL B 49 -46.39 43.44 23.69
C VAL B 49 -46.09 43.71 22.22
N LEU B 50 -45.34 42.80 21.61
CA LEU B 50 -45.04 42.92 20.19
C LEU B 50 -46.24 42.52 19.34
N ALA B 51 -46.78 43.46 18.57
CA ALA B 51 -47.87 43.13 17.65
C ALA B 51 -47.33 42.49 16.40
N ALA B 52 -46.28 43.09 15.82
CA ALA B 52 -45.74 42.60 14.56
C ALA B 52 -44.26 42.93 14.45
N VAL B 53 -43.51 41.96 13.94
CA VAL B 53 -42.08 42.14 13.66
C VAL B 53 -41.77 41.52 12.31
N THR B 54 -41.14 42.27 11.45
CA THR B 54 -40.67 41.71 10.18
C THR B 54 -39.22 42.11 9.99
N MET B 55 -38.44 41.22 9.42
CA MET B 55 -37.08 41.55 9.06
C MET B 55 -36.90 41.10 7.63
N VAL B 56 -36.35 41.99 6.81
CA VAL B 56 -36.31 41.78 5.39
C VAL B 56 -34.89 42.06 4.90
N ASN B 57 -34.40 41.30 3.93
CA ASN B 57 -33.07 41.59 3.36
C ASN B 57 -33.14 42.66 2.28
N ASP B 58 -32.00 42.91 1.63
CA ASP B 58 -31.87 43.92 0.59
C ASP B 58 -32.98 43.81 -0.45
N ASN B 59 -33.28 42.57 -0.85
CA ASN B 59 -34.26 42.28 -1.89
C ASN B 59 -35.68 42.09 -1.37
N GLY B 60 -35.97 42.59 -0.17
CA GLY B 60 -37.29 42.47 0.40
C GLY B 60 -37.72 41.08 0.84
N ARG B 61 -36.81 40.10 0.72
CA ARG B 61 -37.13 38.74 1.14
C ARG B 61 -37.15 38.65 2.66
N PRO B 62 -38.23 38.13 3.24
CA PRO B 62 -38.31 38.13 4.69
C PRO B 62 -37.48 37.03 5.34
N VAL B 63 -37.03 37.31 6.56
CA VAL B 63 -36.29 36.36 7.37
C VAL B 63 -37.26 35.66 8.30
N ALA B 64 -37.11 34.34 8.46
CA ALA B 64 -37.95 33.60 9.38
C ALA B 64 -37.68 34.02 10.81
N GLY B 65 -38.74 34.14 11.59
CA GLY B 65 -38.60 34.48 12.99
C GLY B 65 -39.77 33.97 13.80
N ARG B 66 -39.69 34.09 15.11
CA ARG B 66 -40.75 33.58 15.99
C ARG B 66 -40.97 34.51 17.17
N LEU B 67 -42.24 34.79 17.44
CA LEU B 67 -42.65 35.54 18.60
C LEU B 67 -42.95 34.61 19.79
N SER B 68 -42.43 34.95 20.97
CA SER B 68 -42.72 34.16 22.16
C SER B 68 -44.23 34.21 22.45
N PRO B 69 -44.78 33.17 23.08
CA PRO B 69 -46.22 33.15 23.32
C PRO B 69 -46.73 34.33 24.15
N ASP B 70 -45.93 34.90 25.03
CA ASP B 70 -46.40 36.03 25.83
C ASP B 70 -46.26 37.36 25.09
N GLY B 71 -45.77 37.29 23.85
CA GLY B 71 -45.66 38.48 23.02
C GLY B 71 -44.51 39.43 23.35
N LEU B 72 -43.64 39.03 24.27
CA LEU B 72 -42.60 39.95 24.73
C LEU B 72 -41.29 39.87 23.94
N ARG B 73 -41.00 38.74 23.30
CA ARG B 73 -39.72 38.60 22.62
C ARG B 73 -39.86 37.95 21.24
N TRP B 74 -39.23 38.56 20.24
CA TRP B 74 -39.18 37.99 18.89
C TRP B 74 -37.73 37.69 18.52
N SER B 75 -37.49 36.57 17.85
CA SER B 75 -36.12 36.24 17.44
C SER B 75 -36.12 35.65 16.04
N THR B 76 -35.07 35.93 15.27
CA THR B 76 -34.85 35.22 14.01
C THR B 76 -34.64 33.74 14.33
N THR B 77 -34.97 32.88 13.37
CA THR B 77 -34.91 31.45 13.58
C THR B 77 -34.16 30.74 12.46
N GLU B 78 -33.65 31.50 11.50
CA GLU B 78 -32.81 30.93 10.47
C GLU B 78 -31.50 31.67 10.40
N GLN B 79 -30.53 31.05 9.74
CA GLN B 79 -29.21 31.63 9.58
C GLN B 79 -29.29 32.97 8.84
N LEU B 80 -28.58 33.97 9.36
CA LEU B 80 -28.54 35.26 8.67
C LEU B 80 -27.30 35.25 7.78
N GLY B 81 -27.30 36.04 6.72
CA GLY B 81 -26.24 35.93 5.74
C GLY B 81 -25.16 36.99 5.86
N TYR B 82 -23.95 36.64 5.43
CA TYR B 82 -22.92 37.64 5.23
C TYR B 82 -23.31 38.65 4.16
N ASN B 83 -22.74 39.85 4.25
CA ASN B 83 -22.86 40.85 3.20
C ASN B 83 -24.33 41.18 2.92
N ARG B 84 -25.13 41.27 3.99
CA ARG B 84 -26.54 41.62 3.86
C ARG B 84 -26.87 42.94 4.55
N ARG B 85 -27.83 43.66 4.01
CA ARG B 85 -28.41 44.80 4.72
C ARG B 85 -29.82 44.38 5.10
N TYR B 86 -30.10 44.27 6.39
CA TYR B 86 -31.41 43.86 6.85
C TYR B 86 -32.16 45.02 7.43
N THR B 87 -33.47 45.06 7.19
CA THR B 87 -34.31 46.09 7.76
C THR B 87 -35.38 45.46 8.65
N LEU B 88 -35.35 45.87 9.91
CA LEU B 88 -36.26 45.42 10.95
C LEU B 88 -37.39 46.43 11.13
N ASN B 89 -38.62 45.94 11.08
CA ASN B 89 -39.80 46.76 11.38
C ASN B 89 -40.58 46.10 12.49
N ALA B 90 -40.91 46.86 13.53
CA ALA B 90 -41.56 46.31 14.71
C ALA B 90 -42.58 47.28 15.27
N THR B 91 -43.72 46.75 15.71
CA THR B 91 -44.75 47.55 16.36
C THR B 91 -45.10 46.89 17.68
N ALA B 92 -45.18 47.68 18.74
CA ALA B 92 -45.63 47.19 20.03
C ALA B 92 -46.86 47.97 20.47
N LEU B 93 -47.73 47.28 21.19
CA LEU B 93 -48.99 47.87 21.66
C LEU B 93 -49.12 47.61 23.14
N GLY B 94 -49.59 48.60 23.88
CA GLY B 94 -49.83 48.42 25.29
C GLY B 94 -51.11 49.16 25.63
N LEU B 95 -51.52 49.05 26.89
CA LEU B 95 -52.66 49.81 27.39
C LEU B 95 -52.46 51.31 27.19
N GLY B 96 -51.21 51.73 27.22
CA GLY B 96 -50.88 53.13 27.11
C GLY B 96 -50.57 53.64 25.72
N GLY B 97 -50.78 52.82 24.70
CA GLY B 97 -50.59 53.30 23.33
C GLY B 97 -49.75 52.38 22.46
N ALA B 98 -49.11 52.95 21.45
CA ALA B 98 -48.36 52.16 20.46
C ALA B 98 -46.99 52.76 20.20
N ALA B 99 -46.07 51.92 19.73
CA ALA B 99 -44.78 52.41 19.31
C ALA B 99 -44.32 51.55 18.13
N THR B 100 -43.75 52.20 17.11
CA THR B 100 -43.18 51.47 15.99
C THR B 100 -41.77 51.95 15.73
N ARG B 101 -40.91 51.03 15.33
CA ARG B 101 -39.52 51.35 15.00
C ARG B 101 -39.10 50.68 13.71
N GLN B 102 -38.17 51.32 13.01
CA GLN B 102 -37.52 50.73 11.87
C GLN B 102 -36.01 50.85 12.08
N LEU B 103 -35.32 49.73 11.92
CA LEU B 103 -33.86 49.65 12.09
C LEU B 103 -33.27 48.99 10.87
N THR B 104 -32.15 49.52 10.38
CA THR B 104 -31.47 48.84 9.32
C THR B 104 -30.02 48.62 9.76
N PHE B 105 -29.47 47.46 9.45
CA PHE B 105 -28.09 47.19 9.83
C PHE B 105 -27.42 46.32 8.78
N GLN B 106 -26.10 46.32 8.79
CA GLN B 106 -25.30 45.58 7.84
C GLN B 106 -24.48 44.50 8.54
N THR B 107 -24.48 43.31 7.96
CA THR B 107 -23.75 42.18 8.58
C THR B 107 -22.30 42.16 8.08
N SER B 108 -21.45 41.36 8.73
CA SER B 108 -20.06 41.21 8.32
C SER B 108 -19.93 40.92 6.84
N SER B 109 -18.93 41.52 6.20
CA SER B 109 -18.61 41.17 4.81
C SER B 109 -17.20 40.57 4.77
N PRO B 110 -17.11 39.25 4.76
CA PRO B 110 -15.80 38.57 4.80
C PRO B 110 -14.96 38.86 3.57
N ALA B 111 -13.64 38.90 3.71
CA ALA B 111 -12.76 38.90 2.56
C ALA B 111 -12.55 37.47 2.08
N HIS B 112 -12.67 36.54 3.03
CA HIS B 112 -12.45 35.13 2.77
C HIS B 112 -13.33 34.27 3.67
N LEU B 113 -13.69 33.08 3.21
CA LEU B 113 -14.33 32.09 4.08
C LEU B 113 -13.42 30.88 4.26
N THR B 114 -13.57 30.19 5.38
CA THR B 114 -12.87 28.90 5.56
C THR B 114 -13.84 27.88 6.13
N MET B 115 -13.73 26.66 5.62
CA MET B 115 -14.55 25.55 6.03
C MET B 115 -13.75 24.64 6.95
N PRO B 116 -14.29 24.34 8.14
CA PRO B 116 -13.63 23.40 9.06
C PRO B 116 -14.04 21.96 8.77
N TYR B 117 -13.13 21.04 9.04
CA TYR B 117 -13.41 19.61 8.89
C TYR B 117 -13.01 18.94 10.19
N VAL B 118 -13.92 18.18 10.77
CA VAL B 118 -13.66 17.61 12.10
C VAL B 118 -13.47 16.08 12.10
N MET B 119 -12.50 15.63 12.87
CA MET B 119 -12.26 14.21 13.10
C MET B 119 -12.23 13.98 14.62
N PRO B 120 -12.63 12.78 15.07
CA PRO B 120 -13.13 11.63 14.29
C PRO B 120 -14.58 11.80 13.83
N GLY B 121 -15.06 10.85 13.04
CA GLY B 121 -16.39 10.95 12.46
C GLY B 121 -17.54 10.86 13.46
N ASP B 122 -18.67 11.44 13.10
CA ASP B 122 -19.85 11.43 13.96
C ASP B 122 -20.29 9.99 14.24
N GLY B 123 -20.65 9.71 15.48
CA GLY B 123 -21.10 8.38 15.86
C GLY B 123 -20.01 7.32 15.93
N GLU B 124 -18.76 7.68 15.63
CA GLU B 124 -17.64 6.73 15.73
C GLU B 124 -17.37 6.28 17.17
N VAL B 125 -16.85 5.07 17.32
CA VAL B 125 -16.29 4.62 18.59
C VAL B 125 -14.79 4.48 18.39
N VAL B 126 -14.01 5.21 19.18
CA VAL B 126 -12.57 5.34 18.97
C VAL B 126 -11.79 5.00 20.23
N GLY B 127 -10.47 4.89 20.09
CA GLY B 127 -9.63 4.45 21.19
C GLY B 127 -9.25 5.57 22.14
N VAL B 128 -8.52 5.24 23.20
CA VAL B 128 -8.31 6.18 24.30
C VAL B 128 -7.25 7.22 23.98
N GLY B 129 -6.64 7.12 22.81
CA GLY B 129 -5.65 8.11 22.41
C GLY B 129 -6.13 9.10 21.35
N GLU B 130 -7.42 9.05 21.01
CA GLU B 130 -7.89 9.85 19.89
C GLU B 130 -8.10 11.33 20.27
N PRO B 131 -7.35 12.23 19.62
CA PRO B 131 -7.60 13.65 19.87
C PRO B 131 -8.78 14.16 19.05
N VAL B 132 -9.39 15.25 19.50
CA VAL B 132 -10.29 16.01 18.66
C VAL B 132 -9.46 16.73 17.62
N ALA B 133 -9.88 16.67 16.37
CA ALA B 133 -9.11 17.31 15.31
C ALA B 133 -10.00 18.25 14.51
N ILE B 134 -9.60 19.51 14.41
CA ILE B 134 -10.34 20.47 13.58
C ILE B 134 -9.41 21.02 12.54
N ARG B 135 -9.64 20.69 11.28
CA ARG B 135 -8.76 21.15 10.22
C ARG B 135 -9.46 22.15 9.28
N PHE B 136 -8.93 23.36 9.15
CA PHE B 136 -9.52 24.38 8.28
C PHE B 136 -8.93 24.30 6.89
N ASP B 137 -9.67 24.73 5.87
CA ASP B 137 -9.11 24.66 4.51
C ASP B 137 -8.34 25.92 4.15
N GLU B 138 -8.12 26.80 5.13
CA GLU B 138 -7.30 27.99 4.95
C GLU B 138 -6.47 28.25 6.22
N ASN B 139 -5.36 28.96 6.07
CA ASN B 139 -4.56 29.41 7.22
C ASN B 139 -5.35 30.30 8.18
N ILE B 140 -5.26 30.02 9.47
CA ILE B 140 -6.00 30.80 10.46
C ILE B 140 -5.12 31.87 11.10
N ALA B 141 -5.48 33.13 10.89
CA ALA B 141 -4.68 34.23 11.41
C ALA B 141 -4.87 34.44 12.90
N ASP B 142 -6.12 34.28 13.36
CA ASP B 142 -6.44 34.47 14.78
C ASP B 142 -6.77 33.12 15.39
N ARG B 143 -5.73 32.39 15.82
CA ARG B 143 -5.92 31.05 16.36
C ARG B 143 -6.78 31.09 17.60
N GLY B 144 -6.65 32.17 18.38
CA GLY B 144 -7.41 32.32 19.60
C GLY B 144 -8.89 32.39 19.32
N ALA B 145 -9.24 33.07 18.23
CA ALA B 145 -10.63 33.22 17.84
C ALA B 145 -11.21 31.87 17.47
N ALA B 146 -10.40 31.05 16.79
CA ALA B 146 -10.85 29.72 16.42
C ALA B 146 -11.07 28.82 17.65
N GLU B 147 -10.11 28.85 18.58
CA GLU B 147 -10.21 28.04 19.80
C GLU B 147 -11.47 28.41 20.58
N LYS B 148 -11.74 29.70 20.70
CA LYS B 148 -12.88 30.17 21.47
C LYS B 148 -14.20 29.73 20.82
N ALA B 149 -14.20 29.54 19.50
CA ALA B 149 -15.42 29.15 18.76
C ALA B 149 -15.69 27.65 18.78
N ILE B 150 -14.74 26.88 19.32
CA ILE B 150 -14.88 25.43 19.38
C ILE B 150 -15.28 25.00 20.77
N LYS B 151 -16.49 24.48 20.89
CA LYS B 151 -17.05 24.06 22.17
C LYS B 151 -16.96 22.55 22.32
N ILE B 152 -16.15 22.07 23.26
CA ILE B 152 -16.03 20.64 23.56
C ILE B 152 -16.72 20.26 24.87
N THR B 153 -17.62 19.28 24.83
CA THR B 153 -18.25 18.77 26.04
C THR B 153 -17.75 17.36 26.26
N THR B 154 -17.42 17.02 27.50
CA THR B 154 -17.01 15.64 27.83
C THR B 154 -17.88 15.06 28.96
N ASN B 155 -18.17 13.76 28.89
CA ASN B 155 -18.92 13.08 29.95
C ASN B 155 -18.40 11.66 30.12
N PRO B 156 -17.70 11.39 31.24
CA PRO B 156 -17.40 12.26 32.39
C PRO B 156 -16.52 13.47 32.06
N PRO B 157 -16.80 14.62 32.69
CA PRO B 157 -16.03 15.85 32.45
C PRO B 157 -14.56 15.64 32.69
N VAL B 158 -13.75 16.07 31.73
CA VAL B 158 -12.31 16.04 31.91
C VAL B 158 -11.72 17.30 31.28
N GLU B 159 -10.65 17.82 31.87
CA GLU B 159 -9.94 18.97 31.33
C GLU B 159 -9.12 18.61 30.09
N GLY B 160 -9.10 19.50 29.11
CA GLY B 160 -8.24 19.35 27.94
C GLY B 160 -7.86 20.71 27.42
N ALA B 161 -7.13 20.75 26.31
CA ALA B 161 -6.67 22.04 25.77
C ALA B 161 -6.30 21.94 24.30
N PHE B 162 -6.20 23.09 23.66
CA PHE B 162 -5.90 23.15 22.23
C PHE B 162 -4.41 23.25 21.93
N TYR B 163 -3.99 22.59 20.86
CA TYR B 163 -2.62 22.76 20.36
C TYR B 163 -2.61 22.65 18.83
N TRP B 164 -1.95 23.59 18.17
CA TRP B 164 -1.93 23.65 16.72
C TRP B 164 -0.79 22.82 16.13
N LEU B 165 -1.14 21.91 15.20
CA LEU B 165 -0.15 21.10 14.50
C LEU B 165 0.50 21.85 13.34
N ASN B 166 -0.26 22.78 12.76
CA ASN B 166 0.23 23.63 11.68
C ASN B 166 -0.74 24.82 11.56
N ASN B 167 -0.63 25.62 10.51
CA ASN B 167 -1.46 26.82 10.41
C ASN B 167 -2.94 26.56 10.17
N ARG B 168 -3.29 25.32 9.83
CA ARG B 168 -4.68 24.98 9.50
C ARG B 168 -5.35 23.99 10.45
N GLU B 169 -4.59 23.21 11.20
CA GLU B 169 -5.19 22.13 11.98
C GLU B 169 -4.91 22.23 13.48
N VAL B 170 -5.98 22.30 14.27
CA VAL B 170 -5.82 22.37 15.72
C VAL B 170 -6.29 21.05 16.35
N ARG B 171 -5.60 20.66 17.42
CA ARG B 171 -5.93 19.46 18.16
C ARG B 171 -6.37 19.79 19.59
N TRP B 172 -7.26 18.97 20.14
CA TRP B 172 -7.69 19.07 21.55
C TRP B 172 -7.65 17.71 22.21
N ARG B 173 -7.01 17.62 23.37
CA ARG B 173 -6.95 16.37 24.10
C ARG B 173 -6.77 16.61 25.59
N PRO B 174 -7.09 15.59 26.42
CA PRO B 174 -6.84 15.68 27.85
C PRO B 174 -5.36 15.48 28.18
N GLU B 175 -5.02 15.61 29.45
CA GLU B 175 -3.65 15.35 29.90
C GLU B 175 -3.27 13.88 29.78
N HIS B 176 -4.18 13.01 30.20
CA HIS B 176 -3.96 11.56 30.05
C HIS B 176 -4.96 10.97 29.06
N PHE B 177 -4.68 9.73 28.63
CA PHE B 177 -5.60 8.99 27.76
C PHE B 177 -7.03 9.05 28.29
N TRP B 178 -7.98 9.08 27.36
CA TRP B 178 -9.39 9.03 27.71
C TRP B 178 -9.73 7.83 28.59
N LYS B 179 -10.67 8.02 29.48
CA LYS B 179 -11.34 6.91 30.15
C LYS B 179 -12.36 6.27 29.20
N PRO B 180 -12.37 4.93 29.11
CA PRO B 180 -13.40 4.25 28.32
C PRO B 180 -14.80 4.64 28.75
N GLY B 181 -15.70 4.73 27.77
CA GLY B 181 -17.09 5.07 28.02
C GLY B 181 -17.32 6.56 28.12
N THR B 182 -16.35 7.34 27.67
CA THR B 182 -16.48 8.81 27.69
C THR B 182 -17.18 9.28 26.42
N ALA B 183 -18.19 10.13 26.58
CA ALA B 183 -18.85 10.79 25.47
C ALA B 183 -18.14 12.10 25.19
N VAL B 184 -17.86 12.37 23.91
CA VAL B 184 -17.20 13.60 23.51
C VAL B 184 -18.03 14.33 22.44
N ASP B 185 -18.37 15.58 22.72
CA ASP B 185 -19.18 16.38 21.80
C ASP B 185 -18.36 17.56 21.33
N VAL B 186 -18.30 17.74 20.01
CA VAL B 186 -17.49 18.80 19.42
C VAL B 186 -18.39 19.75 18.61
N ALA B 187 -18.53 20.99 19.06
CA ALA B 187 -19.30 21.98 18.30
C ALA B 187 -18.37 23.05 17.76
N VAL B 188 -18.12 23.00 16.46
CA VAL B 188 -17.26 23.98 15.81
C VAL B 188 -18.17 25.09 15.29
N ASN B 189 -18.29 26.13 16.11
CA ASN B 189 -19.25 27.19 15.86
C ASN B 189 -18.59 28.40 15.21
N THR B 190 -18.10 28.18 14.00
CA THR B 190 -17.27 29.14 13.30
C THR B 190 -18.07 30.08 12.38
N TYR B 191 -19.32 29.74 12.12
CA TYR B 191 -20.12 30.62 11.27
C TYR B 191 -20.35 31.95 11.97
N GLY B 192 -20.08 33.03 11.25
CA GLY B 192 -20.22 34.37 11.78
C GLY B 192 -19.03 34.84 12.60
N VAL B 193 -18.05 33.96 12.78
CA VAL B 193 -16.89 34.28 13.60
C VAL B 193 -15.73 34.82 12.76
N ASP B 194 -15.20 35.98 13.17
CA ASP B 194 -14.01 36.56 12.54
C ASP B 194 -12.76 35.81 12.98
N LEU B 195 -12.14 35.10 12.04
CA LEU B 195 -10.97 34.29 12.35
C LEU B 195 -9.66 35.00 12.01
N GLY B 196 -9.78 36.30 11.78
CA GLY B 196 -8.63 37.15 11.53
C GLY B 196 -8.45 37.45 10.06
N GLU B 197 -7.99 38.67 9.79
CA GLU B 197 -7.70 39.14 8.45
C GLU B 197 -8.89 39.00 7.51
N GLY B 198 -10.10 39.19 8.04
CA GLY B 198 -11.28 39.19 7.20
C GLY B 198 -11.76 37.80 6.84
N MET B 199 -11.18 36.79 7.47
CA MET B 199 -11.57 35.41 7.23
C MET B 199 -12.66 35.02 8.22
N PHE B 200 -13.81 34.58 7.71
CA PHE B 200 -14.90 34.10 8.55
C PHE B 200 -15.21 32.63 8.26
N GLY B 201 -15.89 31.98 9.19
CA GLY B 201 -16.26 30.58 9.01
C GLY B 201 -17.32 30.44 7.92
N GLU B 202 -17.14 29.46 7.05
CA GLU B 202 -18.09 29.19 5.98
C GLU B 202 -19.39 28.57 6.51
N ASP B 203 -19.25 27.76 7.57
CA ASP B 203 -20.38 27.07 8.18
C ASP B 203 -19.95 26.54 9.54
N ASN B 204 -20.91 26.05 10.31
CA ASN B 204 -20.60 25.28 11.52
C ASN B 204 -20.45 23.82 11.16
N VAL B 205 -19.71 23.09 11.98
CA VAL B 205 -19.77 21.64 11.87
C VAL B 205 -19.87 21.06 13.29
N GLN B 206 -20.41 19.86 13.37
CA GLN B 206 -20.56 19.23 14.67
C GLN B 206 -20.26 17.74 14.56
N THR B 207 -19.57 17.19 15.56
CA THR B 207 -19.40 15.74 15.61
C THR B 207 -19.53 15.26 17.06
N HIS B 208 -19.89 13.99 17.22
CA HIS B 208 -20.00 13.41 18.55
C HIS B 208 -19.45 12.01 18.46
N PHE B 209 -18.64 11.62 19.44
CA PHE B 209 -18.07 10.29 19.40
C PHE B 209 -17.91 9.72 20.79
N THR B 210 -17.52 8.45 20.88
CA THR B 210 -17.43 7.78 22.15
C THR B 210 -16.10 7.04 22.26
N ILE B 211 -15.55 6.97 23.47
CA ILE B 211 -14.33 6.24 23.71
C ILE B 211 -14.63 4.78 24.09
N GLY B 212 -14.08 3.85 23.32
CA GLY B 212 -14.30 2.44 23.58
C GLY B 212 -13.26 1.84 24.52
N ASP B 213 -12.97 0.56 24.34
CA ASP B 213 -12.00 -0.15 25.17
C ASP B 213 -10.63 0.50 25.11
N GLU B 214 -9.90 0.44 26.22
CA GLU B 214 -8.50 0.87 26.25
C GLU B 214 -7.64 -0.20 25.59
N VAL B 215 -7.07 0.13 24.45
CA VAL B 215 -6.21 -0.80 23.73
C VAL B 215 -4.84 -0.17 23.57
N ILE B 216 -3.83 -0.78 24.20
CA ILE B 216 -2.47 -0.26 24.16
C ILE B 216 -1.51 -1.38 23.80
N ALA B 217 -0.81 -1.22 22.69
CA ALA B 217 0.11 -2.24 22.21
C ALA B 217 1.51 -1.69 22.33
N THR B 218 2.36 -2.42 23.04
CA THR B 218 3.70 -1.96 23.32
C THR B 218 4.72 -2.80 22.59
N ALA B 219 5.55 -2.13 21.78
CA ALA B 219 6.66 -2.78 21.11
C ALA B 219 7.97 -2.46 21.83
N ASP B 220 8.61 -3.48 22.39
CA ASP B 220 9.86 -3.29 23.15
C ASP B 220 11.00 -3.79 22.28
N ASP B 221 11.93 -2.89 21.92
CA ASP B 221 13.04 -3.30 21.08
C ASP B 221 13.95 -4.31 21.79
N ASN B 222 13.96 -4.27 23.12
CA ASN B 222 14.77 -5.21 23.90
C ASN B 222 14.30 -6.65 23.78
N THR B 223 13.03 -6.84 23.44
CA THR B 223 12.46 -8.18 23.34
C THR B 223 11.96 -8.48 21.92
N LYS B 224 11.77 -7.43 21.13
CA LYS B 224 11.21 -7.53 19.78
C LYS B 224 9.83 -8.20 19.79
N ILE B 225 9.06 -7.85 20.82
CA ILE B 225 7.70 -8.31 20.95
C ILE B 225 6.77 -7.09 20.97
N LEU B 226 5.72 -7.14 20.17
CA LEU B 226 4.62 -6.19 20.26
C LEU B 226 3.49 -6.83 21.06
N THR B 227 3.29 -6.34 22.28
CA THR B 227 2.28 -6.89 23.18
C THR B 227 1.01 -6.07 23.17
N VAL B 228 -0.13 -6.70 22.91
CA VAL B 228 -1.41 -5.98 22.92
C VAL B 228 -2.13 -6.18 24.25
N ARG B 229 -2.48 -5.07 24.90
CA ARG B 229 -3.23 -5.13 26.15
C ARG B 229 -4.58 -4.46 25.98
N VAL B 230 -5.63 -5.19 26.39
CA VAL B 230 -6.97 -4.65 26.29
C VAL B 230 -7.51 -4.49 27.70
N ASN B 231 -7.77 -3.24 28.08
CA ASN B 231 -8.18 -2.90 29.44
C ASN B 231 -7.25 -3.50 30.48
N GLY B 232 -5.95 -3.45 30.21
CA GLY B 232 -4.95 -3.91 31.14
C GLY B 232 -4.51 -5.36 30.94
N GLU B 233 -5.30 -6.14 30.23
CA GLU B 233 -5.04 -7.58 30.07
C GLU B 233 -4.29 -7.94 28.80
N VAL B 234 -3.25 -8.76 28.93
CA VAL B 234 -2.49 -9.22 27.76
C VAL B 234 -3.35 -10.17 26.91
N VAL B 235 -3.60 -9.80 25.67
CA VAL B 235 -4.44 -10.62 24.79
C VAL B 235 -3.67 -11.16 23.58
N LYS B 236 -2.53 -10.54 23.28
CA LYS B 236 -1.77 -10.95 22.11
C LYS B 236 -0.32 -10.57 22.29
N SER B 237 0.59 -11.46 21.86
CA SER B 237 2.02 -11.19 21.89
C SER B 237 2.63 -11.52 20.53
N MET B 238 3.03 -10.48 19.80
CA MET B 238 3.43 -10.58 18.40
C MET B 238 4.93 -10.38 18.20
N PRO B 239 5.64 -11.42 17.73
CA PRO B 239 7.04 -11.21 17.35
C PRO B 239 7.08 -10.14 16.27
N THR B 240 8.00 -9.21 16.37
CA THR B 240 8.01 -8.12 15.39
C THR B 240 9.42 -7.84 14.91
N SER B 241 9.52 -7.28 13.72
CA SER B 241 10.78 -6.78 13.19
C SER B 241 10.60 -5.31 12.88
N MET B 242 11.33 -4.46 13.59
CA MET B 242 11.15 -3.02 13.45
C MET B 242 12.25 -2.43 12.59
N GLY B 243 12.42 -1.12 12.65
CA GLY B 243 13.37 -0.44 11.78
C GLY B 243 14.81 -0.85 12.01
N LYS B 244 15.49 -1.24 10.93
CA LYS B 244 16.92 -1.53 11.01
C LYS B 244 17.69 -0.31 11.48
N ASP B 245 18.91 -0.51 11.95
CA ASP B 245 19.67 0.56 12.61
C ASP B 245 19.78 1.84 11.78
N SER B 246 19.90 1.69 10.46
CA SER B 246 20.06 2.86 9.60
C SER B 246 18.73 3.57 9.33
N THR B 247 17.61 2.87 9.55
CA THR B 247 16.29 3.46 9.39
C THR B 247 15.41 3.03 10.57
N PRO B 248 15.77 3.48 11.78
CA PRO B 248 15.14 2.93 12.98
C PRO B 248 13.69 3.38 13.16
N THR B 249 12.94 2.61 13.96
CA THR B 249 11.62 3.03 14.40
C THR B 249 11.80 4.00 15.56
N ALA B 250 11.16 5.16 15.48
CA ALA B 250 11.28 6.13 16.57
C ALA B 250 10.54 5.64 17.82
N ASN B 251 11.11 5.92 18.99
CA ASN B 251 10.39 5.62 20.23
C ASN B 251 9.24 6.61 20.44
N GLY B 252 8.28 6.20 21.25
CA GLY B 252 7.24 7.11 21.66
C GLY B 252 5.84 6.56 21.51
N ILE B 253 4.88 7.47 21.66
CA ILE B 253 3.48 7.11 21.65
C ILE B 253 2.92 7.44 20.28
N TYR B 254 2.33 6.43 19.64
CA TYR B 254 1.70 6.53 18.33
C TYR B 254 0.18 6.36 18.45
N ILE B 255 -0.59 7.18 17.73
CA ILE B 255 -2.04 6.99 17.70
C ILE B 255 -2.42 6.20 16.45
N VAL B 256 -3.25 5.18 16.61
CA VAL B 256 -3.69 4.39 15.47
C VAL B 256 -4.56 5.24 14.56
N GLY B 257 -4.23 5.24 13.26
CA GLY B 257 -5.02 5.95 12.27
C GLY B 257 -5.91 5.00 11.48
N SER B 258 -5.82 5.06 10.15
CA SER B 258 -6.65 4.24 9.27
C SER B 258 -6.17 2.80 9.15
N ARG B 259 -7.08 1.90 8.74
CA ARG B 259 -6.78 0.48 8.54
C ARG B 259 -6.99 0.12 7.07
N TYR B 260 -6.19 -0.81 6.55
CA TYR B 260 -6.30 -1.22 5.15
C TYR B 260 -6.18 -2.73 4.98
N LYS B 261 -7.13 -3.34 4.28
CA LYS B 261 -7.00 -4.76 3.95
C LYS B 261 -5.72 -4.99 3.13
N HIS B 262 -5.46 -4.06 2.22
CA HIS B 262 -4.19 -4.04 1.51
C HIS B 262 -3.92 -2.61 1.07
N ILE B 263 -2.67 -2.30 0.81
CA ILE B 263 -2.31 -0.94 0.42
C ILE B 263 -0.93 -0.96 -0.22
N ILE B 264 -0.74 -0.12 -1.24
CA ILE B 264 0.61 0.08 -1.79
C ILE B 264 1.32 1.11 -0.95
N MET B 265 2.26 0.68 -0.14
CA MET B 265 3.01 1.67 0.62
C MET B 265 4.07 2.31 -0.27
N ASP B 266 3.86 3.59 -0.54
CA ASP B 266 4.70 4.38 -1.43
C ASP B 266 5.49 5.38 -0.59
N SER B 267 6.82 5.26 -0.60
CA SER B 267 7.66 6.09 0.26
C SER B 267 7.58 7.58 -0.10
N SER B 268 7.22 7.88 -1.34
CA SER B 268 7.16 9.28 -1.78
C SER B 268 6.01 10.02 -1.08
N THR B 269 5.03 9.26 -0.61
CA THR B 269 3.93 9.79 0.20
C THR B 269 4.45 10.43 1.48
N TYR B 270 5.59 9.94 1.97
CA TYR B 270 6.11 10.34 3.26
C TYR B 270 7.44 11.10 3.15
N GLY B 271 7.76 11.53 1.93
CA GLY B 271 8.92 12.39 1.72
C GLY B 271 10.14 11.75 1.10
N VAL B 272 10.13 10.44 0.96
CA VAL B 272 11.29 9.71 0.43
C VAL B 272 11.06 9.24 -1.01
N PRO B 273 11.86 9.73 -1.97
CA PRO B 273 11.72 9.28 -3.36
C PRO B 273 11.90 7.77 -3.46
N VAL B 274 11.03 7.11 -4.22
CA VAL B 274 11.07 5.65 -4.29
C VAL B 274 12.41 5.18 -4.82
N ASN B 275 12.93 5.92 -5.81
CA ASN B 275 14.20 5.58 -6.45
C ASN B 275 15.43 5.85 -5.57
N SER B 276 15.22 6.53 -4.43
CA SER B 276 16.31 6.85 -3.50
C SER B 276 16.67 5.61 -2.65
N PRO B 277 17.86 5.61 -2.01
CA PRO B 277 18.31 4.44 -1.23
C PRO B 277 17.33 3.95 -0.15
N ASN B 278 16.65 4.87 0.54
CA ASN B 278 15.67 4.48 1.54
C ASN B 278 14.26 4.41 0.99
N GLY B 279 14.13 4.60 -0.32
CA GLY B 279 12.82 4.59 -0.97
C GLY B 279 12.25 3.21 -1.12
N TYR B 280 10.94 3.12 -1.29
CA TYR B 280 10.26 1.85 -1.49
C TYR B 280 8.87 2.00 -2.06
N ARG B 281 8.39 0.94 -2.69
CA ARG B 281 7.01 0.83 -3.07
C ARG B 281 6.67 -0.64 -2.96
N THR B 282 5.70 -0.98 -2.13
CA THR B 282 5.40 -2.38 -1.94
C THR B 282 3.96 -2.58 -1.53
N ASP B 283 3.31 -3.50 -2.23
CA ASP B 283 1.97 -3.91 -1.91
C ASP B 283 1.96 -4.75 -0.63
N VAL B 284 1.33 -4.28 0.44
CA VAL B 284 1.26 -5.08 1.67
C VAL B 284 -0.16 -5.32 2.14
N ASP B 285 -0.31 -6.33 2.99
CA ASP B 285 -1.62 -6.72 3.48
C ASP B 285 -1.83 -6.26 4.91
N TRP B 286 -3.09 -6.09 5.30
CA TRP B 286 -3.46 -5.90 6.70
C TRP B 286 -2.61 -4.82 7.35
N ALA B 287 -2.73 -3.60 6.86
CA ALA B 287 -1.83 -2.54 7.28
C ALA B 287 -2.59 -1.52 8.14
N THR B 288 -2.02 -1.23 9.30
CA THR B 288 -2.61 -0.26 10.22
C THR B 288 -1.63 0.92 10.36
N GLN B 289 -2.06 2.11 9.96
CA GLN B 289 -1.17 3.27 10.00
C GLN B 289 -1.07 3.80 11.41
N ILE B 290 0.15 4.09 11.87
CA ILE B 290 0.29 4.68 13.20
C ILE B 290 1.12 5.95 13.23
N SER B 291 1.64 6.40 12.09
CA SER B 291 2.15 7.78 12.03
C SER B 291 1.93 8.37 10.62
N TYR B 292 1.77 9.68 10.54
CA TYR B 292 1.74 10.38 9.25
C TYR B 292 3.09 10.23 8.55
N SER B 293 4.15 10.01 9.32
CA SER B 293 5.48 9.82 8.75
C SER B 293 5.57 8.50 7.99
N GLY B 294 4.53 7.67 8.09
CA GLY B 294 4.44 6.46 7.29
C GLY B 294 4.70 5.15 8.00
N VAL B 295 4.69 5.16 9.33
CA VAL B 295 4.88 3.91 10.07
C VAL B 295 3.57 3.13 10.12
N PHE B 296 3.63 1.87 9.69
CA PHE B 296 2.48 0.96 9.76
C PHE B 296 2.83 -0.27 10.58
N VAL B 297 1.82 -0.86 11.19
CA VAL B 297 1.87 -2.27 11.58
C VAL B 297 1.25 -3.02 10.40
N HIS B 298 1.95 -4.03 9.86
CA HIS B 298 1.43 -4.72 8.67
C HIS B 298 1.99 -6.11 8.48
N SER B 299 1.35 -6.87 7.60
CA SER B 299 1.81 -8.22 7.29
C SER B 299 3.15 -8.20 6.55
N ALA B 300 4.10 -8.96 7.05
CA ALA B 300 5.42 -9.06 6.42
C ALA B 300 5.89 -10.51 6.29
N PRO B 301 5.28 -11.26 5.35
CA PRO B 301 5.64 -12.68 5.16
C PRO B 301 7.12 -12.88 4.86
N TRP B 302 7.75 -11.87 4.25
CA TRP B 302 9.17 -11.98 3.87
C TRP B 302 10.11 -11.92 5.06
N SER B 303 9.67 -11.43 6.21
CA SER B 303 10.62 -11.30 7.34
C SER B 303 10.24 -12.11 8.59
N VAL B 304 9.38 -13.12 8.44
CA VAL B 304 8.93 -13.91 9.60
C VAL B 304 10.10 -14.46 10.40
N GLY B 305 11.18 -14.81 9.71
CA GLY B 305 12.37 -15.37 10.35
C GLY B 305 13.11 -14.36 11.21
N ALA B 306 12.96 -13.08 10.89
CA ALA B 306 13.62 -12.01 11.64
C ALA B 306 12.78 -11.54 12.81
N GLN B 307 11.47 -11.72 12.68
CA GLN B 307 10.54 -11.17 13.66
C GLN B 307 10.76 -11.84 15.01
N GLY B 308 10.89 -11.02 16.05
CA GLY B 308 11.23 -11.51 17.38
C GLY B 308 12.73 -11.60 17.63
N HIS B 309 13.53 -11.31 16.61
CA HIS B 309 14.99 -11.48 16.71
C HIS B 309 15.81 -10.27 16.27
N THR B 310 15.58 -9.79 15.05
CA THR B 310 16.36 -8.69 14.48
C THR B 310 15.49 -7.71 13.70
N ASN B 311 15.92 -6.45 13.68
CA ASN B 311 15.20 -5.40 12.97
C ASN B 311 15.60 -5.35 11.51
N THR B 312 14.62 -5.34 10.61
CA THR B 312 14.89 -5.37 9.18
C THR B 312 14.13 -4.34 8.33
N SER B 313 13.25 -3.55 8.93
CA SER B 313 12.32 -2.75 8.13
C SER B 313 12.82 -1.32 7.90
N HIS B 314 12.00 -0.54 7.19
CA HIS B 314 12.28 0.88 6.99
C HIS B 314 11.77 1.71 8.16
N GLY B 315 11.11 1.05 9.11
CA GLY B 315 10.56 1.74 10.26
C GLY B 315 9.25 1.12 10.68
N CYS B 316 8.60 0.43 9.75
CA CYS B 316 7.34 -0.24 10.02
C CYS B 316 7.50 -1.33 11.06
N LEU B 317 6.41 -1.65 11.73
CA LEU B 317 6.41 -2.78 12.63
C LEU B 317 5.97 -4.02 11.85
N ASN B 318 6.94 -4.76 11.34
CA ASN B 318 6.70 -6.01 10.61
C ASN B 318 6.15 -7.10 11.54
N VAL B 319 5.02 -7.71 11.21
CA VAL B 319 4.53 -8.88 11.96
C VAL B 319 4.04 -9.96 11.00
N SER B 320 3.71 -11.13 11.51
CA SER B 320 3.23 -12.23 10.67
C SER B 320 1.90 -11.89 10.02
N PRO B 321 1.58 -12.52 8.87
CA PRO B 321 0.30 -12.26 8.21
C PRO B 321 -0.91 -12.45 9.12
N SER B 322 -0.89 -13.47 9.96
CA SER B 322 -2.03 -13.73 10.82
C SER B 322 -2.10 -12.69 11.95
N ASN B 323 -0.95 -12.24 12.44
CA ASN B 323 -0.94 -11.23 13.50
C ASN B 323 -1.33 -9.86 13.00
N ALA B 324 -0.91 -9.53 11.79
CA ALA B 324 -1.33 -8.28 11.14
C ALA B 324 -2.85 -8.25 10.92
N GLN B 325 -3.42 -9.38 10.51
CA GLN B 325 -4.86 -9.45 10.31
C GLN B 325 -5.56 -9.36 11.66
N TRP B 326 -4.98 -10.01 12.67
CA TRP B 326 -5.54 -9.94 14.01
C TRP B 326 -5.58 -8.47 14.44
N PHE B 327 -4.50 -7.76 14.13
CA PHE B 327 -4.34 -6.37 14.54
C PHE B 327 -5.36 -5.52 13.80
N TYR B 328 -5.49 -5.75 12.50
CA TYR B 328 -6.50 -5.08 11.69
C TYR B 328 -7.90 -5.28 12.28
N ASP B 329 -8.17 -6.50 12.75
CA ASP B 329 -9.50 -6.85 13.25
C ASP B 329 -9.81 -6.32 14.64
N HIS B 330 -8.80 -6.18 15.49
CA HIS B 330 -9.06 -5.88 16.89
C HIS B 330 -8.64 -4.48 17.33
N VAL B 331 -7.91 -3.79 16.48
CA VAL B 331 -7.46 -2.44 16.80
C VAL B 331 -8.28 -1.42 16.01
N LYS B 332 -8.62 -0.30 16.64
CA LYS B 332 -9.45 0.72 16.00
C LYS B 332 -8.74 2.07 16.06
N ARG B 333 -9.20 3.01 15.22
CA ARG B 333 -8.69 4.38 15.22
C ARG B 333 -8.66 4.91 16.65
N GLY B 334 -7.53 5.48 17.06
CA GLY B 334 -7.46 6.06 18.38
C GLY B 334 -6.83 5.16 19.42
N ASP B 335 -6.70 3.87 19.11
CA ASP B 335 -5.93 2.99 19.99
C ASP B 335 -4.46 3.41 19.97
N ILE B 336 -3.67 2.86 20.87
CA ILE B 336 -2.31 3.33 21.08
C ILE B 336 -1.26 2.25 20.81
N VAL B 337 -0.22 2.60 20.06
CA VAL B 337 1.00 1.80 20.00
C VAL B 337 2.12 2.60 20.66
N GLU B 338 2.77 2.02 21.67
CA GLU B 338 3.95 2.66 22.24
C GLU B 338 5.21 1.88 21.88
N VAL B 339 6.22 2.60 21.42
CA VAL B 339 7.51 2.02 21.06
C VAL B 339 8.55 2.45 22.11
N VAL B 340 9.35 1.49 22.57
CA VAL B 340 10.36 1.76 23.60
C VAL B 340 11.68 1.05 23.31
N ASN B 341 12.78 1.68 23.72
CA ASN B 341 14.14 1.11 23.69
C ASN B 341 14.77 0.87 22.31
N THR B 342 14.25 1.49 21.27
CA THR B 342 14.93 1.40 19.98
C THR B 342 16.09 2.39 19.95
N VAL B 343 16.92 2.30 18.93
CA VAL B 343 18.02 3.27 18.76
C VAL B 343 17.55 4.55 18.05
N GLY B 344 16.26 4.64 17.77
CA GLY B 344 15.70 5.83 17.15
C GLY B 344 15.56 6.94 18.17
N GLY B 345 15.14 8.11 17.70
CA GLY B 345 14.83 9.21 18.59
C GLY B 345 13.39 9.10 19.05
N THR B 346 12.73 10.23 19.25
CA THR B 346 11.33 10.21 19.64
C THR B 346 10.46 10.74 18.49
N LEU B 347 9.31 10.11 18.28
CA LEU B 347 8.35 10.56 17.26
C LEU B 347 7.98 12.03 17.49
N PRO B 348 8.05 12.87 16.44
CA PRO B 348 7.71 14.29 16.59
C PRO B 348 6.31 14.51 17.14
N GLY B 349 6.17 15.45 18.07
CA GLY B 349 4.89 15.76 18.67
C GLY B 349 3.86 16.22 17.64
N ILE B 350 4.34 16.81 16.55
CA ILE B 350 3.45 17.32 15.52
C ILE B 350 3.44 16.47 14.26
N ASP B 351 3.79 15.19 14.41
CA ASP B 351 3.70 14.24 13.29
C ASP B 351 2.33 14.25 12.62
N GLY B 352 1.29 14.31 13.44
CA GLY B 352 -0.07 14.08 12.99
C GLY B 352 -0.72 12.99 13.81
N LEU B 353 0.09 12.04 14.30
CA LEU B 353 -0.40 11.00 15.19
C LEU B 353 0.52 10.88 16.40
N GLY B 354 1.34 11.91 16.63
CA GLY B 354 2.28 11.86 17.72
C GLY B 354 1.94 12.80 18.86
N ASP B 355 0.68 13.24 18.95
CA ASP B 355 0.30 14.33 19.88
C ASP B 355 0.70 14.03 21.34
N TRP B 356 0.70 12.76 21.72
CA TRP B 356 0.92 12.42 23.13
C TRP B 356 2.40 12.56 23.54
N ASN B 357 3.28 12.79 22.56
CA ASN B 357 4.70 12.98 22.88
C ASN B 357 5.03 14.41 23.30
N ILE B 358 4.06 15.31 23.15
CA ILE B 358 4.22 16.67 23.67
C ILE B 358 3.87 16.66 25.15
N PRO B 359 4.81 17.11 26.01
CA PRO B 359 4.53 17.15 27.45
C PRO B 359 3.29 18.00 27.76
N TRP B 360 2.50 17.62 28.76
CA TRP B 360 1.22 18.29 29.02
C TRP B 360 1.36 19.78 29.32
N ASP B 361 2.38 20.17 30.08
CA ASP B 361 2.55 21.59 30.37
C ASP B 361 2.74 22.39 29.08
N GLN B 362 3.46 21.81 28.12
CA GLN B 362 3.67 22.45 26.83
C GLN B 362 2.39 22.45 25.98
N TRP B 363 1.69 21.32 25.95
CA TRP B 363 0.44 21.23 25.20
C TRP B 363 -0.59 22.22 25.75
N ARG B 364 -0.80 22.16 27.05
CA ARG B 364 -1.70 23.04 27.80
C ARG B 364 -1.44 24.52 27.53
N ALA B 365 -0.18 24.93 27.56
CA ALA B 365 0.19 26.32 27.30
C ALA B 365 -0.24 26.73 25.89
N GLY B 366 -0.23 25.77 24.98
CA GLY B 366 -0.77 26.01 23.65
C GLY B 366 0.19 26.82 22.80
N ASN B 367 -0.30 27.23 21.63
CA ASN B 367 0.51 28.03 20.71
C ASN B 367 -0.39 28.87 19.81
N ALA B 368 -1.45 29.41 20.41
CA ALA B 368 -2.37 30.29 19.72
C ALA B 368 -1.72 31.64 19.36
C18 T8G C . 11.17 -37.75 -0.71
C10 T8G C . 12.30 -42.83 1.21
C11 T8G C . 12.78 -44.23 0.87
C12 T8G C . 11.49 -40.90 2.27
N1 T8G C . 12.18 -41.99 0.23
C13 T8G C . 9.97 -40.84 2.52
C14 T8G C . 11.70 -40.70 0.78
C15 T8G C . 10.51 -40.18 -0.09
S1 T8G C . 10.92 -43.47 3.60
C1 T8G C . 11.00 -43.44 6.41
O1 T8G C . 10.22 -43.90 7.24
C16 T8G C . 10.60 -40.69 -1.54
C17 T8G C . 10.15 -38.66 -0.04
O2 T8G C . 12.36 -43.57 6.40
C2 T8G C . 12.95 -44.77 6.92
O3 T8G C . 12.14 -44.85 -0.02
C3 T8G C . 12.50 -45.98 6.10
O4 T8G C . 13.76 -44.67 1.51
C4 T8G C . 13.58 -47.06 5.96
O5 T8G C . 10.47 -41.88 -1.79
C5 T8G C . 14.50 -47.07 7.17
O6 T8G C . 8.88 -38.40 -0.62
C6 T8G C . 15.29 -45.77 7.25
C7 T8G C . 14.47 -44.55 6.88
C8 T8G C . 10.63 -42.62 5.20
C9 T8G C . 11.98 -42.31 2.61
#